data_2J5N
#
_entry.id   2J5N
#
_cell.length_a   102.589
_cell.length_b   102.589
_cell.length_c   278.637
_cell.angle_alpha   90.00
_cell.angle_beta   90.00
_cell.angle_gamma   120.00
#
_symmetry.space_group_name_H-M   'H 3'
#
loop_
_entity.id
_entity.type
_entity.pdbx_description
1 polymer '1-PYRROLINE-5-CARBOXYLATE DEHYDROGENASE'
2 non-polymer GLYCINE
3 non-polymer NICOTINAMIDE-ADENINE-DINUCLEOTIDE
4 non-polymer 'ACETATE ION'
5 non-polymer (4R)-2-METHYLPENTANE-2,4-DIOL
6 non-polymer (4S)-2-METHYL-2,4-PENTANEDIOL
7 non-polymer 'SODIUM ION'
8 water water
#
_entity_poly.entity_id   1
_entity_poly.type   'polypeptide(L)'
_entity_poly.pdbx_seq_one_letter_code
;MTVEPFRNEPIETFQTEEARRAMREALRRVREEFGRHYPLYIGGEWVDTKERMVSLNPSAPSEVVGTTAKAGKAEAEAAL
EAAWKAFKTWKDWPQEDRSRLLLKAAALMRRRKRELEATLVYEVGKNWVEASADVAEAIDFIEYYARAALRYRYPAVEVV
PYPGEDNESFYVPLGAGVVIAPWNFPVAIFTGMIVGPVAVGNTVIAKPAEDAVVVGAKVFEIFHEAGFPPGVVNFLPGVG
EEVGAYLVEHPRIRFINFTGSLEVGLKIYEAAGRLAPGQTWFKRAYVETGGKDAIIVDETADFDLAAEGVVVSAYGFQGQ
KCSAASRLILTQGAYEPVLERVLKRAERLSVGPAEENPDLGPVVSAEQERKVLSYIEIGKNEGQLVLGGKRLEGEGYFIA
PTVFTEVPPKARIAQEEIFGPVLSVIRVKDFAEALEVANDTPYGLTGGVYSRKREHLEWARREFHVGNLYFNRKITGALV
GVQPFGGFKLSGTNAKTGALDYLRLFLEMKAVAERF
;
_entity_poly.pdbx_strand_id   A,B
#
loop_
_chem_comp.id
_chem_comp.type
_chem_comp.name
_chem_comp.formula
ACT non-polymer 'ACETATE ION' 'C2 H3 O2 -1'
MPD non-polymer (4S)-2-METHYL-2,4-PENTANEDIOL 'C6 H14 O2'
MRD non-polymer (4R)-2-METHYLPENTANE-2,4-DIOL 'C6 H14 O2'
NA non-polymer 'SODIUM ION' 'Na 1'
NAD non-polymer NICOTINAMIDE-ADENINE-DINUCLEOTIDE 'C21 H27 N7 O14 P2'
#
# COMPACT_ATOMS: atom_id res chain seq x y z
N MET A 1 27.67 7.49 -5.65
CA MET A 1 27.27 8.92 -5.68
C MET A 1 27.44 9.57 -4.29
N THR A 2 28.33 10.57 -4.19
CA THR A 2 28.44 11.34 -2.94
C THR A 2 28.19 12.82 -3.16
N VAL A 3 27.13 13.31 -2.52
CA VAL A 3 26.73 14.70 -2.63
C VAL A 3 26.63 15.28 -1.23
N GLU A 4 26.52 16.60 -1.13
CA GLU A 4 26.28 17.24 0.17
C GLU A 4 25.00 16.69 0.83
N PRO A 5 24.97 16.63 2.17
CA PRO A 5 23.73 16.29 2.87
C PRO A 5 22.57 17.17 2.41
N PHE A 6 21.38 16.58 2.32
CA PHE A 6 20.19 17.34 1.93
C PHE A 6 19.97 18.56 2.82
N ARG A 7 19.68 19.69 2.18
CA ARG A 7 19.19 20.90 2.87
C ARG A 7 18.01 21.44 2.07
N ASN A 8 17.03 22.01 2.76
CA ASN A 8 15.91 22.65 2.06
C ASN A 8 16.33 23.90 1.28
N GLU A 9 15.76 24.07 0.09
CA GLU A 9 16.00 25.26 -0.73
C GLU A 9 15.39 26.46 -0.01
N PRO A 10 16.19 27.51 0.26
CA PRO A 10 15.61 28.67 0.95
C PRO A 10 14.46 29.31 0.18
N ILE A 11 13.44 29.76 0.90
CA ILE A 11 12.28 30.40 0.31
C ILE A 11 12.56 31.90 0.28
N GLU A 12 12.44 32.49 -0.90
CA GLU A 12 12.77 33.89 -1.09
C GLU A 12 11.66 34.78 -0.51
N THR A 13 12.05 35.78 0.27
CA THR A 13 11.08 36.72 0.85
C THR A 13 11.07 38.07 0.12
N PHE A 14 12.04 38.27 -0.78
CA PHE A 14 12.11 39.50 -1.61
C PHE A 14 12.27 40.78 -0.78
N GLN A 15 13.05 40.69 0.29
CA GLN A 15 13.34 41.84 1.14
C GLN A 15 14.58 42.64 0.66
N THR A 16 15.43 42.01 -0.14
CA THR A 16 16.61 42.69 -0.71
C THR A 16 16.29 43.27 -2.09
N GLU A 17 17.01 44.33 -2.45
CA GLU A 17 16.83 44.95 -3.76
C GLU A 17 17.20 43.98 -4.88
N GLU A 18 18.23 43.18 -4.64
CA GLU A 18 18.67 42.21 -5.63
C GLU A 18 17.54 41.23 -5.96
N ALA A 19 16.84 40.75 -4.92
CA ALA A 19 15.75 39.79 -5.09
C ALA A 19 14.56 40.43 -5.82
N ARG A 20 14.20 41.63 -5.39
CA ARG A 20 13.13 42.39 -6.06
C ARG A 20 13.46 42.63 -7.53
N ARG A 21 14.69 43.04 -7.80
CA ARG A 21 15.13 43.32 -9.18
C ARG A 21 15.00 42.06 -10.05
N ALA A 22 15.48 40.93 -9.53
CA ALA A 22 15.39 39.66 -10.27
C ALA A 22 13.93 39.24 -10.50
N MET A 23 13.09 39.41 -9.49
CA MET A 23 11.67 39.04 -9.60
C MET A 23 10.92 39.94 -10.59
N ARG A 24 11.17 41.25 -10.53
CA ARG A 24 10.56 42.17 -11.48
C ARG A 24 10.90 41.79 -12.92
N GLU A 25 12.17 41.49 -13.17
CA GLU A 25 12.56 41.10 -14.52
C GLU A 25 11.90 39.79 -14.95
N ALA A 26 11.83 38.82 -14.03
CA ALA A 26 11.20 37.53 -14.32
C ALA A 26 9.71 37.70 -14.64
N LEU A 27 9.02 38.52 -13.85
CA LEU A 27 7.60 38.81 -14.08
C LEU A 27 7.38 39.50 -15.43
N ARG A 28 8.22 40.48 -15.72
CA ARG A 28 8.16 41.18 -17.00
C ARG A 28 8.33 40.22 -18.18
N ARG A 29 9.32 39.34 -18.12
CA ARG A 29 9.54 38.40 -19.23
C ARG A 29 8.41 37.39 -19.37
N VAL A 30 7.89 36.89 -18.25
CA VAL A 30 6.76 35.97 -18.33
C VAL A 30 5.54 36.68 -18.93
N ARG A 31 5.28 37.91 -18.49
CA ARG A 31 4.15 38.68 -18.98
C ARG A 31 4.29 38.92 -20.49
N GLU A 32 5.51 39.24 -20.92
CA GLU A 32 5.80 39.50 -22.33
C GLU A 32 5.63 38.26 -23.19
N GLU A 33 5.63 37.10 -22.52
CA GLU A 33 5.51 35.79 -23.14
C GLU A 33 4.07 35.26 -23.17
N PHE A 34 3.12 36.02 -22.60
CA PHE A 34 1.71 35.62 -22.61
C PHE A 34 1.27 35.21 -24.02
N GLY A 35 0.56 34.08 -24.11
CA GLY A 35 -0.02 33.63 -25.37
C GLY A 35 0.77 32.52 -26.03
N ARG A 36 1.93 32.18 -25.45
CA ARG A 36 2.75 31.10 -25.94
C ARG A 36 2.01 29.76 -25.94
N HIS A 37 2.30 28.90 -26.91
CA HIS A 37 1.66 27.59 -27.02
C HIS A 37 2.66 26.48 -26.73
N TYR A 38 2.25 25.55 -25.87
CA TYR A 38 3.12 24.43 -25.47
C TYR A 38 2.47 23.11 -25.87
N PRO A 39 3.16 22.29 -26.67
CA PRO A 39 2.63 20.98 -27.09
C PRO A 39 2.65 19.93 -25.98
N LEU A 40 2.12 18.75 -26.26
CA LEU A 40 2.32 17.57 -25.40
C LEU A 40 3.79 17.17 -25.46
N TYR A 41 4.21 16.33 -24.51
CA TYR A 41 5.55 15.75 -24.59
C TYR A 41 5.39 14.25 -24.46
N ILE A 42 5.67 13.55 -25.55
CA ILE A 42 5.48 12.10 -25.61
C ILE A 42 6.71 11.48 -26.26
N GLY A 43 7.30 10.48 -25.59
CA GLY A 43 8.45 9.76 -26.11
C GLY A 43 9.60 10.66 -26.53
N GLY A 44 9.90 11.66 -25.72
CA GLY A 44 11.08 12.49 -25.92
C GLY A 44 10.91 13.60 -26.93
N GLU A 45 9.70 13.77 -27.45
CA GLU A 45 9.44 14.89 -28.37
C GLU A 45 8.17 15.66 -28.06
N TRP A 46 8.17 16.93 -28.43
CA TRP A 46 6.99 17.77 -28.29
C TRP A 46 6.04 17.46 -29.44
N VAL A 47 4.79 17.18 -29.10
CA VAL A 47 3.78 16.71 -30.06
C VAL A 47 2.53 17.58 -29.96
N ASP A 48 2.17 18.26 -31.04
CA ASP A 48 1.02 19.16 -30.99
C ASP A 48 -0.27 18.44 -31.37
N THR A 49 -1.41 19.05 -31.05
CA THR A 49 -2.73 18.55 -31.39
C THR A 49 -3.57 19.67 -31.99
N LYS A 50 -4.68 19.30 -32.61
CA LYS A 50 -5.63 20.27 -33.16
C LYS A 50 -6.35 21.03 -32.04
N GLU A 51 -6.91 20.30 -31.08
CA GLU A 51 -7.57 20.91 -29.93
C GLU A 51 -6.54 21.51 -28.97
N ARG A 52 -7.00 22.40 -28.10
CA ARG A 52 -6.11 23.07 -27.16
C ARG A 52 -6.73 23.24 -25.79
N MET A 53 -5.86 23.46 -24.81
CA MET A 53 -6.25 23.84 -23.45
C MET A 53 -5.84 25.29 -23.29
N VAL A 54 -6.74 26.10 -22.74
CA VAL A 54 -6.48 27.54 -22.54
C VAL A 54 -6.27 27.82 -21.05
N SER A 55 -5.22 28.57 -20.74
CA SER A 55 -4.94 28.93 -19.37
C SER A 55 -5.02 30.44 -19.18
N LEU A 56 -5.96 30.87 -18.34
CA LEU A 56 -6.22 32.29 -18.08
C LEU A 56 -5.49 32.80 -16.86
N ASN A 57 -5.30 34.12 -16.82
CA ASN A 57 -4.78 34.81 -15.65
C ASN A 57 -5.91 35.09 -14.69
N PRO A 58 -5.93 34.43 -13.51
CA PRO A 58 -7.06 34.63 -12.60
C PRO A 58 -7.17 36.04 -12.02
N SER A 59 -6.09 36.84 -12.13
CA SER A 59 -6.11 38.24 -11.66
C SER A 59 -6.73 39.16 -12.72
N ALA A 60 -6.84 38.65 -13.94
CA ALA A 60 -7.34 39.40 -15.10
C ALA A 60 -7.70 38.37 -16.18
N PRO A 61 -8.84 37.66 -16.01
CA PRO A 61 -9.12 36.48 -16.84
C PRO A 61 -9.42 36.73 -18.32
N SER A 62 -9.45 38.00 -18.74
CA SER A 62 -9.44 38.31 -20.18
C SER A 62 -8.07 38.02 -20.80
N GLU A 63 -7.05 37.84 -19.96
CA GLU A 63 -5.68 37.61 -20.41
C GLU A 63 -5.35 36.12 -20.45
N VAL A 64 -4.87 35.68 -21.61
CA VAL A 64 -4.46 34.30 -21.81
C VAL A 64 -2.96 34.18 -21.50
N VAL A 65 -2.65 33.49 -20.40
CA VAL A 65 -1.25 33.24 -20.03
C VAL A 65 -0.60 32.36 -21.10
N GLY A 66 -1.31 31.34 -21.55
CA GLY A 66 -0.80 30.48 -22.61
C GLY A 66 -1.83 29.43 -22.95
N THR A 67 -1.49 28.62 -23.96
CA THR A 67 -2.29 27.47 -24.33
C THR A 67 -1.38 26.25 -24.42
N THR A 68 -1.97 25.07 -24.26
CA THR A 68 -1.25 23.84 -24.55
C THR A 68 -2.06 22.98 -25.52
N ALA A 69 -1.38 21.97 -26.07
CA ALA A 69 -2.07 20.89 -26.76
C ALA A 69 -3.01 20.18 -25.80
N LYS A 70 -3.89 19.33 -26.34
CA LYS A 70 -4.88 18.65 -25.52
C LYS A 70 -4.87 17.16 -25.82
N ALA A 71 -4.60 16.36 -24.79
CA ALA A 71 -4.47 14.92 -24.95
C ALA A 71 -5.82 14.23 -24.84
N GLY A 72 -6.13 13.41 -25.84
CA GLY A 72 -7.28 12.51 -25.80
C GLY A 72 -6.83 11.07 -25.75
N LYS A 73 -7.73 10.14 -26.08
CA LYS A 73 -7.41 8.72 -26.02
C LYS A 73 -6.21 8.31 -26.88
N ALA A 74 -6.11 8.85 -28.09
CA ALA A 74 -5.02 8.47 -28.99
C ALA A 74 -3.66 8.87 -28.42
N GLU A 75 -3.61 10.06 -27.80
CA GLU A 75 -2.38 10.56 -27.22
C GLU A 75 -2.05 9.79 -25.94
N ALA A 76 -3.08 9.42 -25.18
CA ALA A 76 -2.90 8.54 -24.01
C ALA A 76 -2.31 7.20 -24.43
N GLU A 77 -2.83 6.62 -25.52
CA GLU A 77 -2.27 5.37 -26.05
C GLU A 77 -0.82 5.53 -26.49
N ALA A 78 -0.51 6.62 -27.17
CA ALA A 78 0.87 6.85 -27.63
C ALA A 78 1.81 6.98 -26.44
N ALA A 79 1.33 7.65 -25.40
CA ALA A 79 2.11 7.85 -24.16
C ALA A 79 2.31 6.51 -23.46
N LEU A 80 1.29 5.66 -23.43
CA LEU A 80 1.42 4.34 -22.82
C LEU A 80 2.47 3.49 -23.51
N GLU A 81 2.42 3.48 -24.84
CA GLU A 81 3.41 2.73 -25.60
C GLU A 81 4.82 3.25 -25.33
N ALA A 82 4.96 4.58 -25.29
CA ALA A 82 6.28 5.20 -25.06
C ALA A 82 6.79 4.88 -23.66
N ALA A 83 5.90 4.95 -22.68
CA ALA A 83 6.26 4.73 -21.29
C ALA A 83 6.65 3.27 -21.02
N TRP A 84 5.89 2.33 -21.57
CA TRP A 84 6.23 0.93 -21.37
C TRP A 84 7.50 0.53 -22.11
N LYS A 85 7.69 1.08 -23.31
CA LYS A 85 8.91 0.82 -24.06
C LYS A 85 10.11 1.33 -23.25
N ALA A 86 9.99 2.53 -22.69
CA ALA A 86 11.08 3.16 -21.93
C ALA A 86 11.36 2.38 -20.66
N PHE A 87 10.30 1.88 -20.03
CA PHE A 87 10.43 1.17 -18.75
C PHE A 87 11.39 0.00 -18.89
N LYS A 88 11.32 -0.70 -20.02
CA LYS A 88 12.15 -1.87 -20.27
C LYS A 88 13.65 -1.64 -20.02
N THR A 89 14.15 -0.47 -20.41
CA THR A 89 15.57 -0.13 -20.21
C THR A 89 15.83 0.80 -19.02
N TRP A 90 14.90 1.73 -18.76
CA TRP A 90 15.03 2.68 -17.64
C TRP A 90 15.12 1.94 -16.30
N LYS A 91 14.37 0.86 -16.16
CA LYS A 91 14.39 0.06 -14.94
C LYS A 91 15.79 -0.52 -14.65
N ASP A 92 16.60 -0.69 -15.71
CA ASP A 92 17.92 -1.33 -15.62
C ASP A 92 19.07 -0.33 -15.43
N TRP A 93 18.76 0.97 -15.50
CA TRP A 93 19.78 1.96 -15.16
C TRP A 93 20.27 1.73 -13.75
N PRO A 94 21.59 1.84 -13.51
CA PRO A 94 22.02 1.87 -12.10
C PRO A 94 21.31 3.00 -11.35
N GLN A 95 21.01 2.78 -10.08
CA GLN A 95 20.34 3.83 -9.30
C GLN A 95 21.16 5.13 -9.28
N GLU A 96 22.48 5.01 -9.17
CA GLU A 96 23.35 6.19 -9.17
C GLU A 96 23.13 7.07 -10.41
N ASP A 97 22.95 6.42 -11.57
CA ASP A 97 22.73 7.11 -12.84
C ASP A 97 21.38 7.83 -12.84
N ARG A 98 20.34 7.15 -12.35
CA ARG A 98 19.01 7.77 -12.27
C ARG A 98 19.03 8.94 -11.30
N SER A 99 19.68 8.74 -10.14
CA SER A 99 19.76 9.81 -9.12
C SER A 99 20.53 11.03 -9.68
N ARG A 100 21.63 10.79 -10.40
CA ARG A 100 22.34 11.90 -11.05
C ARG A 100 21.45 12.67 -12.03
N LEU A 101 20.57 11.96 -12.75
CA LEU A 101 19.65 12.64 -13.67
C LEU A 101 18.71 13.57 -12.90
N LEU A 102 18.18 13.09 -11.77
CA LEU A 102 17.37 13.95 -10.91
C LEU A 102 18.15 15.17 -10.45
N LEU A 103 19.40 14.97 -10.00
CA LEU A 103 20.16 16.11 -9.49
C LEU A 103 20.41 17.16 -10.59
N LYS A 104 20.58 16.70 -11.83
CA LYS A 104 20.74 17.62 -12.96
C LYS A 104 19.44 18.41 -13.14
N ALA A 105 18.30 17.72 -13.11
CA ALA A 105 17.01 18.39 -13.21
C ALA A 105 16.81 19.43 -12.11
N ALA A 106 17.21 19.09 -10.87
CA ALA A 106 17.14 20.06 -9.77
C ALA A 106 17.99 21.30 -10.06
N ALA A 107 19.21 21.11 -10.55
CA ALA A 107 20.11 22.22 -10.87
C ALA A 107 19.49 23.13 -11.93
N LEU A 108 18.91 22.53 -12.97
CA LEU A 108 18.22 23.28 -14.02
C LEU A 108 16.98 24.04 -13.50
N MET A 109 16.22 23.41 -12.61
CA MET A 109 15.07 24.07 -12.01
C MET A 109 15.50 25.26 -11.15
N ARG A 110 16.58 25.08 -10.38
CA ARG A 110 17.09 26.13 -9.53
C ARG A 110 17.50 27.34 -10.37
N ARG A 111 18.10 27.09 -11.53
CA ARG A 111 18.55 28.19 -12.40
C ARG A 111 17.38 28.93 -13.05
N ARG A 112 16.20 28.30 -13.09
CA ARG A 112 15.00 28.93 -13.66
C ARG A 112 13.97 29.30 -12.60
N LYS A 113 14.40 29.39 -11.35
CA LYS A 113 13.40 29.53 -10.28
C LYS A 113 12.58 30.82 -10.39
N ARG A 114 13.22 31.95 -10.69
CA ARG A 114 12.45 33.21 -10.78
C ARG A 114 11.38 33.14 -11.88
N GLU A 115 11.78 32.61 -13.04
CA GLU A 115 10.82 32.39 -14.13
C GLU A 115 9.63 31.50 -13.71
N LEU A 116 9.92 30.39 -13.04
CA LEU A 116 8.84 29.50 -12.60
C LEU A 116 7.95 30.17 -11.57
N GLU A 117 8.55 30.89 -10.63
CA GLU A 117 7.76 31.66 -9.65
C GLU A 117 6.85 32.65 -10.36
N ALA A 118 7.41 33.39 -11.32
CA ALA A 118 6.63 34.40 -12.04
C ALA A 118 5.46 33.75 -12.79
N THR A 119 5.70 32.55 -13.30
CA THR A 119 4.65 31.82 -14.02
C THR A 119 3.52 31.42 -13.06
N LEU A 120 3.87 31.01 -11.85
CA LEU A 120 2.85 30.74 -10.83
C LEU A 120 2.01 31.97 -10.47
N VAL A 121 2.68 33.11 -10.35
CA VAL A 121 2.02 34.38 -10.02
C VAL A 121 0.91 34.65 -11.06
N TYR A 122 1.27 34.60 -12.33
CA TYR A 122 0.30 34.87 -13.41
C TYR A 122 -0.69 33.75 -13.66
N GLU A 123 -0.25 32.49 -13.58
CA GLU A 123 -1.12 31.39 -13.97
C GLU A 123 -2.11 30.96 -12.90
N VAL A 124 -1.68 30.96 -11.65
CA VAL A 124 -2.57 30.51 -10.57
C VAL A 124 -2.75 31.55 -9.44
N GLY A 125 -2.25 32.77 -9.64
CA GLY A 125 -2.57 33.86 -8.72
C GLY A 125 -1.91 33.75 -7.35
N LYS A 126 -0.72 33.15 -7.31
CA LYS A 126 0.11 33.19 -6.08
C LYS A 126 0.80 34.54 -5.93
N ASN A 127 0.84 35.06 -4.71
CA ASN A 127 1.73 36.19 -4.47
C ASN A 127 3.20 35.72 -4.52
N TRP A 128 4.14 36.64 -4.34
CA TRP A 128 5.53 36.31 -4.65
C TRP A 128 6.10 35.25 -3.71
N VAL A 129 5.81 35.36 -2.42
CA VAL A 129 6.36 34.38 -1.46
C VAL A 129 5.68 33.03 -1.57
N GLU A 130 4.37 33.00 -1.80
CA GLU A 130 3.71 31.71 -2.09
C GLU A 130 4.30 31.02 -3.34
N ALA A 131 4.57 31.80 -4.39
CA ALA A 131 5.20 31.25 -5.58
C ALA A 131 6.60 30.71 -5.28
N SER A 132 7.38 31.45 -4.51
CA SER A 132 8.73 31.00 -4.17
C SER A 132 8.71 29.70 -3.35
N ALA A 133 7.80 29.61 -2.38
CA ALA A 133 7.68 28.38 -1.56
C ALA A 133 7.37 27.16 -2.44
N ASP A 134 6.50 27.34 -3.43
CA ASP A 134 6.05 26.27 -4.34
C ASP A 134 7.27 25.75 -5.14
N VAL A 135 7.97 26.65 -5.80
CA VAL A 135 9.15 26.25 -6.58
C VAL A 135 10.24 25.63 -5.70
N ALA A 136 10.47 26.20 -4.52
CA ALA A 136 11.49 25.67 -3.61
C ALA A 136 11.14 24.25 -3.18
N GLU A 137 9.86 23.99 -2.93
CA GLU A 137 9.40 22.65 -2.57
C GLU A 137 9.63 21.63 -3.69
N ALA A 138 9.39 22.07 -4.93
CA ALA A 138 9.64 21.22 -6.10
C ALA A 138 11.11 20.80 -6.16
N ILE A 139 11.99 21.78 -6.00
CA ILE A 139 13.44 21.54 -5.99
C ILE A 139 13.77 20.56 -4.86
N ASP A 140 13.19 20.81 -3.69
CA ASP A 140 13.38 19.91 -2.54
C ASP A 140 12.97 18.48 -2.86
N PHE A 141 11.83 18.28 -3.53
CA PHE A 141 11.41 16.91 -3.86
C PHE A 141 12.47 16.22 -4.72
N ILE A 142 13.00 16.95 -5.69
CA ILE A 142 13.98 16.34 -6.59
C ILE A 142 15.25 15.98 -5.83
N GLU A 143 15.74 16.91 -5.01
CA GLU A 143 16.97 16.71 -4.25
C GLU A 143 16.81 15.58 -3.23
N TYR A 144 15.65 15.55 -2.58
CA TYR A 144 15.39 14.57 -1.53
C TYR A 144 15.23 13.17 -2.15
N TYR A 145 14.34 13.04 -3.14
CA TYR A 145 14.11 11.72 -3.74
C TYR A 145 15.36 11.16 -4.44
N ALA A 146 16.19 12.03 -5.03
CA ALA A 146 17.44 11.57 -5.62
C ALA A 146 18.30 10.82 -4.61
N ARG A 147 18.40 11.36 -3.40
CA ARG A 147 19.19 10.79 -2.32
C ARG A 147 18.46 9.59 -1.69
N ALA A 148 17.16 9.73 -1.42
CA ALA A 148 16.38 8.66 -0.78
C ALA A 148 16.38 7.38 -1.63
N ALA A 149 16.33 7.53 -2.95
CA ALA A 149 16.34 6.38 -3.85
C ALA A 149 17.56 5.48 -3.68
N LEU A 150 18.69 6.09 -3.33
CA LEU A 150 19.91 5.30 -3.12
C LEU A 150 19.77 4.32 -1.95
N ARG A 151 18.87 4.64 -1.01
CA ARG A 151 18.67 3.76 0.14
C ARG A 151 17.97 2.44 -0.23
N TYR A 152 17.40 2.39 -1.44
CA TYR A 152 16.69 1.19 -1.92
C TYR A 152 17.52 0.36 -2.92
N ARG A 153 18.77 0.74 -3.14
CA ARG A 153 19.56 0.15 -4.24
C ARG A 153 19.93 -1.33 -4.03
N TYR A 154 20.08 -2.03 -5.16
CA TYR A 154 20.37 -3.47 -5.20
C TYR A 154 21.55 -3.88 -4.32
N PRO A 155 21.40 -4.94 -3.50
CA PRO A 155 20.16 -5.56 -3.02
C PRO A 155 19.89 -5.06 -1.59
N ALA A 156 18.77 -4.36 -1.39
CA ALA A 156 18.64 -3.52 -0.19
C ALA A 156 18.03 -4.21 1.03
N VAL A 157 17.45 -5.39 0.82
CA VAL A 157 16.62 -6.00 1.85
C VAL A 157 17.42 -6.82 2.86
N GLU A 158 17.14 -6.60 4.14
CA GLU A 158 17.77 -7.31 5.22
C GLU A 158 17.08 -8.66 5.43
N VAL A 159 17.81 -9.75 5.16
CA VAL A 159 17.23 -11.10 5.28
C VAL A 159 18.07 -11.97 6.20
N VAL A 160 17.46 -13.06 6.66
CA VAL A 160 18.11 -14.02 7.54
C VAL A 160 18.84 -15.04 6.66
N PRO A 161 20.14 -15.28 6.92
CA PRO A 161 20.84 -16.29 6.11
C PRO A 161 20.42 -17.73 6.38
N TYR A 162 20.77 -18.60 5.43
CA TYR A 162 20.47 -20.03 5.53
C TYR A 162 21.69 -20.80 5.05
N PRO A 163 22.04 -21.90 5.74
CA PRO A 163 23.22 -22.70 5.36
C PRO A 163 23.16 -23.19 3.91
N GLY A 164 24.29 -23.04 3.20
CA GLY A 164 24.44 -23.61 1.87
C GLY A 164 23.76 -22.83 0.75
N GLU A 165 23.29 -21.63 1.08
CA GLU A 165 22.49 -20.84 0.13
C GLU A 165 22.88 -19.38 0.16
N ASP A 166 22.73 -18.72 -0.98
CA ASP A 166 22.63 -17.27 -1.01
C ASP A 166 21.17 -16.90 -1.07
N ASN A 167 20.75 -16.00 -0.18
CA ASN A 167 19.38 -15.47 -0.23
C ASN A 167 19.44 -13.99 -0.44
N GLU A 168 18.88 -13.55 -1.55
CA GLU A 168 19.00 -12.15 -1.95
C GLU A 168 17.65 -11.55 -2.29
N SER A 169 17.25 -10.57 -1.50
CA SER A 169 16.01 -9.86 -1.75
C SER A 169 16.30 -8.42 -2.17
N PHE A 170 15.54 -7.96 -3.16
CA PHE A 170 15.81 -6.65 -3.73
C PHE A 170 14.55 -6.04 -4.30
N TYR A 171 14.58 -4.72 -4.43
CA TYR A 171 13.43 -4.00 -4.97
C TYR A 171 13.55 -3.79 -6.48
N VAL A 172 12.39 -3.82 -7.13
CA VAL A 172 12.28 -3.45 -8.53
C VAL A 172 11.10 -2.48 -8.75
N PRO A 173 11.22 -1.57 -9.72
CA PRO A 173 10.10 -0.67 -10.01
C PRO A 173 8.91 -1.43 -10.63
N LEU A 174 7.75 -0.79 -10.58
CA LEU A 174 6.47 -1.42 -10.99
C LEU A 174 6.23 -1.39 -12.49
N GLY A 175 6.48 -0.25 -13.12
CA GLY A 175 6.18 -0.12 -14.55
C GLY A 175 5.80 1.30 -14.89
N ALA A 176 4.84 1.43 -15.81
CA ALA A 176 4.37 2.75 -16.25
C ALA A 176 3.10 3.09 -15.49
N GLY A 177 3.04 4.28 -14.93
CA GLY A 177 1.86 4.72 -14.19
C GLY A 177 1.45 6.12 -14.61
N VAL A 178 0.33 6.56 -14.06
CA VAL A 178 -0.19 7.89 -14.35
C VAL A 178 -0.13 8.75 -13.09
N VAL A 179 0.29 10.00 -13.28
CA VAL A 179 0.31 11.00 -12.23
C VAL A 179 -0.76 12.02 -12.58
N ILE A 180 -1.64 12.30 -11.64
CA ILE A 180 -2.73 13.24 -11.86
C ILE A 180 -2.68 14.28 -10.76
N ALA A 181 -2.47 15.54 -11.16
CA ALA A 181 -2.02 16.58 -10.25
C ALA A 181 -3.02 17.73 -10.10
N PRO A 182 -2.97 18.45 -8.96
CA PRO A 182 -3.83 19.60 -8.70
C PRO A 182 -3.26 20.92 -9.18
N TRP A 183 -4.11 21.94 -9.25
CA TRP A 183 -3.67 23.27 -9.67
C TRP A 183 -3.06 24.12 -8.56
N ASN A 184 -3.24 23.73 -7.29
CA ASN A 184 -2.84 24.63 -6.21
C ASN A 184 -1.35 24.62 -5.85
N PHE A 185 -0.65 23.51 -6.12
CA PHE A 185 0.81 23.45 -6.05
C PHE A 185 1.32 22.79 -7.34
N PRO A 186 1.18 23.51 -8.47
CA PRO A 186 1.35 22.90 -9.78
C PRO A 186 2.80 22.82 -10.25
N VAL A 187 3.72 23.31 -9.43
CA VAL A 187 5.14 23.00 -9.64
C VAL A 187 5.57 21.96 -8.60
N ALA A 188 5.37 22.25 -7.32
CA ALA A 188 5.80 21.34 -6.24
C ALA A 188 5.22 19.92 -6.32
N ILE A 189 3.89 19.82 -6.29
CA ILE A 189 3.27 18.48 -6.19
C ILE A 189 3.35 17.74 -7.52
N PHE A 190 3.21 18.48 -8.62
CA PHE A 190 3.40 17.94 -9.97
C PHE A 190 4.79 17.31 -10.08
N THR A 191 5.81 18.06 -9.66
CA THR A 191 7.21 17.57 -9.74
C THR A 191 7.42 16.36 -8.81
N GLY A 192 6.98 16.49 -7.56
CA GLY A 192 7.21 15.43 -6.57
C GLY A 192 6.59 14.10 -6.98
N MET A 193 5.32 14.16 -7.42
CA MET A 193 4.60 12.94 -7.80
C MET A 193 5.18 12.26 -9.04
N ILE A 194 5.86 13.02 -9.89
CA ILE A 194 6.53 12.45 -11.06
C ILE A 194 7.90 11.88 -10.68
N VAL A 195 8.73 12.69 -10.04
CA VAL A 195 10.15 12.30 -9.92
C VAL A 195 10.41 11.21 -8.88
N GLY A 196 9.51 11.10 -7.90
CA GLY A 196 9.63 10.01 -6.91
C GLY A 196 9.57 8.64 -7.58
N PRO A 197 8.43 8.34 -8.23
CA PRO A 197 8.34 7.07 -8.96
C PRO A 197 9.45 6.90 -10.00
N VAL A 198 9.76 7.96 -10.73
CA VAL A 198 10.76 7.88 -11.81
C VAL A 198 12.16 7.59 -11.25
N ALA A 199 12.48 8.17 -10.08
CA ALA A 199 13.80 7.99 -9.49
C ALA A 199 14.20 6.53 -9.36
N VAL A 200 13.23 5.70 -8.96
CA VAL A 200 13.50 4.30 -8.66
C VAL A 200 13.19 3.37 -9.84
N GLY A 201 12.94 3.96 -11.01
CA GLY A 201 12.88 3.15 -12.23
C GLY A 201 11.52 2.97 -12.88
N ASN A 202 10.49 3.60 -12.32
CA ASN A 202 9.21 3.65 -13.01
C ASN A 202 9.23 4.67 -14.15
N THR A 203 8.23 4.58 -15.02
CA THR A 203 8.01 5.63 -16.02
C THR A 203 6.63 6.23 -15.78
N VAL A 204 6.43 7.47 -16.22
CA VAL A 204 5.24 8.23 -15.82
C VAL A 204 4.58 8.97 -16.99
N ILE A 205 3.25 8.94 -17.00
CA ILE A 205 2.42 9.81 -17.83
C ILE A 205 1.78 10.81 -16.87
N ALA A 206 2.08 12.10 -17.08
CA ALA A 206 1.69 13.15 -16.13
C ALA A 206 0.57 13.97 -16.73
N LYS A 207 -0.50 14.12 -15.94
CA LYS A 207 -1.68 14.85 -16.35
C LYS A 207 -1.81 16.07 -15.42
N PRO A 208 -1.34 17.26 -15.87
CA PRO A 208 -1.46 18.45 -15.02
C PRO A 208 -2.90 18.93 -14.93
N ALA A 209 -3.21 19.67 -13.87
CA ALA A 209 -4.53 20.26 -13.71
C ALA A 209 -4.78 21.27 -14.83
N GLU A 210 -6.03 21.33 -15.28
CA GLU A 210 -6.42 22.23 -16.36
C GLU A 210 -5.99 23.69 -16.15
N ASP A 211 -6.09 24.15 -14.91
CA ASP A 211 -5.81 25.55 -14.56
C ASP A 211 -4.32 25.87 -14.46
N ALA A 212 -3.47 24.86 -14.63
CA ALA A 212 -2.04 25.03 -14.42
C ALA A 212 -1.19 24.29 -15.48
N VAL A 213 -1.72 24.24 -16.70
CA VAL A 213 -1.04 23.53 -17.80
C VAL A 213 0.27 24.18 -18.28
N VAL A 214 0.34 25.52 -18.22
CA VAL A 214 1.53 26.23 -18.72
C VAL A 214 2.73 25.95 -17.82
N VAL A 215 2.56 26.06 -16.51
CA VAL A 215 3.69 25.83 -15.64
C VAL A 215 4.11 24.35 -15.66
N GLY A 216 3.13 23.46 -15.86
CA GLY A 216 3.45 22.04 -16.06
C GLY A 216 4.33 21.83 -17.30
N ALA A 217 4.02 22.55 -18.38
CA ALA A 217 4.86 22.48 -19.57
C ALA A 217 6.30 22.94 -19.29
N LYS A 218 6.44 23.98 -18.49
CA LYS A 218 7.77 24.52 -18.18
C LYS A 218 8.58 23.53 -17.36
N VAL A 219 7.90 22.79 -16.47
CA VAL A 219 8.56 21.69 -15.76
C VAL A 219 9.06 20.65 -16.77
N PHE A 220 8.25 20.33 -17.77
CA PHE A 220 8.72 19.41 -18.79
C PHE A 220 9.86 19.92 -19.65
N GLU A 221 9.93 21.24 -19.85
CA GLU A 221 11.09 21.83 -20.52
C GLU A 221 12.36 21.48 -19.76
N ILE A 222 12.28 21.55 -18.43
CA ILE A 222 13.40 21.17 -17.57
C ILE A 222 13.74 19.68 -17.69
N PHE A 223 12.73 18.81 -17.66
CA PHE A 223 12.97 17.37 -17.79
C PHE A 223 13.65 17.07 -19.12
N HIS A 224 13.17 17.72 -20.18
CA HIS A 224 13.72 17.49 -21.50
C HIS A 224 15.18 17.92 -21.56
N GLU A 225 15.47 19.13 -21.06
CA GLU A 225 16.86 19.62 -21.02
C GLU A 225 17.79 18.74 -20.18
N ALA A 226 17.26 18.22 -19.06
CA ALA A 226 18.03 17.34 -18.20
C ALA A 226 18.44 16.06 -18.93
N GLY A 227 17.59 15.61 -19.85
CA GLY A 227 17.88 14.47 -20.69
C GLY A 227 17.29 13.15 -20.23
N PHE A 228 16.13 13.17 -19.59
CA PHE A 228 15.44 11.89 -19.35
C PHE A 228 15.25 11.18 -20.70
N PRO A 229 15.55 9.87 -20.75
CA PRO A 229 15.37 9.13 -22.00
C PRO A 229 13.92 9.18 -22.52
N PRO A 230 13.76 9.08 -23.84
CA PRO A 230 12.41 9.15 -24.42
C PRO A 230 11.47 8.16 -23.75
N GLY A 231 10.28 8.62 -23.39
CA GLY A 231 9.26 7.78 -22.79
C GLY A 231 9.27 7.72 -21.27
N VAL A 232 10.37 8.14 -20.64
CA VAL A 232 10.45 8.06 -19.16
C VAL A 232 9.46 8.99 -18.46
N VAL A 233 9.34 10.22 -18.98
CA VAL A 233 8.31 11.15 -18.50
C VAL A 233 7.55 11.71 -19.69
N ASN A 234 6.23 11.74 -19.57
CA ASN A 234 5.33 12.20 -20.64
C ASN A 234 4.31 13.20 -20.09
N PHE A 235 4.00 14.22 -20.88
CA PHE A 235 3.20 15.37 -20.45
C PHE A 235 1.88 15.40 -21.23
N LEU A 236 0.78 15.15 -20.55
CA LEU A 236 -0.54 15.06 -21.19
C LEU A 236 -1.57 15.99 -20.57
N PRO A 237 -1.41 17.31 -20.81
CA PRO A 237 -2.46 18.24 -20.40
C PRO A 237 -3.76 17.83 -21.08
N GLY A 238 -4.85 17.90 -20.34
CA GLY A 238 -6.15 17.51 -20.89
C GLY A 238 -7.19 17.53 -19.80
N VAL A 239 -8.38 17.05 -20.14
CA VAL A 239 -9.52 17.09 -19.24
C VAL A 239 -9.47 15.90 -18.30
N GLY A 240 -9.50 16.18 -17.00
CA GLY A 240 -9.40 15.11 -15.99
C GLY A 240 -10.40 13.98 -16.16
N GLU A 241 -11.67 14.34 -16.30
CA GLU A 241 -12.77 13.37 -16.44
C GLU A 241 -12.75 12.61 -17.75
N GLU A 242 -11.89 13.06 -18.67
CA GLU A 242 -11.75 12.41 -19.96
C GLU A 242 -10.45 11.62 -20.01
N VAL A 243 -9.34 12.26 -20.36
CA VAL A 243 -8.06 11.54 -20.47
C VAL A 243 -7.53 11.01 -19.11
N GLY A 244 -7.79 11.74 -18.03
CA GLY A 244 -7.39 11.27 -16.68
C GLY A 244 -8.10 9.98 -16.32
N ALA A 245 -9.43 10.00 -16.40
CA ALA A 245 -10.23 8.79 -16.13
C ALA A 245 -9.85 7.63 -17.07
N TYR A 246 -9.61 7.95 -18.34
CA TYR A 246 -9.21 6.94 -19.32
C TYR A 246 -7.97 6.17 -18.85
N LEU A 247 -6.97 6.92 -18.36
CA LEU A 247 -5.74 6.31 -17.84
C LEU A 247 -5.96 5.55 -16.54
N VAL A 248 -6.69 6.15 -15.61
CA VAL A 248 -7.00 5.47 -14.35
C VAL A 248 -7.63 4.08 -14.59
N GLU A 249 -8.54 4.02 -15.55
CA GLU A 249 -9.32 2.81 -15.83
C GLU A 249 -8.62 1.81 -16.74
N HIS A 250 -7.47 2.20 -17.28
CA HIS A 250 -6.80 1.43 -18.34
C HIS A 250 -6.18 0.15 -17.80
N PRO A 251 -6.34 -0.98 -18.53
CA PRO A 251 -5.74 -2.23 -18.04
C PRO A 251 -4.22 -2.21 -18.00
N ARG A 252 -3.59 -1.31 -18.76
CA ARG A 252 -2.13 -1.30 -18.84
C ARG A 252 -1.46 -0.21 -17.99
N ILE A 253 -2.24 0.48 -17.16
CA ILE A 253 -1.69 1.42 -16.17
C ILE A 253 -1.39 0.65 -14.90
N ARG A 254 -0.14 0.75 -14.41
CA ARG A 254 0.31 -0.09 -13.30
C ARG A 254 0.01 0.53 -11.93
N PHE A 255 0.11 1.85 -11.86
CA PHE A 255 -0.14 2.59 -10.63
C PHE A 255 -0.67 3.96 -10.96
N ILE A 256 -1.34 4.55 -9.98
CA ILE A 256 -1.92 5.89 -10.09
C ILE A 256 -1.42 6.69 -8.92
N ASN A 257 -0.85 7.85 -9.19
CA ASN A 257 -0.40 8.77 -8.15
C ASN A 257 -1.25 10.02 -8.30
N PHE A 258 -2.16 10.22 -7.34
CA PHE A 258 -3.17 11.28 -7.44
C PHE A 258 -3.14 12.20 -6.23
N THR A 259 -3.21 13.50 -6.50
CA THR A 259 -3.42 14.48 -5.46
C THR A 259 -4.52 15.43 -5.95
N GLY A 260 -5.54 15.62 -5.13
CA GLY A 260 -6.70 16.41 -5.55
C GLY A 260 -7.86 16.28 -4.60
N SER A 261 -9.05 16.55 -5.11
CA SER A 261 -10.25 16.57 -4.28
C SER A 261 -10.66 15.18 -3.81
N LEU A 262 -11.34 15.14 -2.67
CA LEU A 262 -11.90 13.90 -2.17
C LEU A 262 -12.88 13.28 -3.17
N GLU A 263 -13.75 14.11 -3.75
CA GLU A 263 -14.73 13.61 -4.72
C GLU A 263 -14.07 12.78 -5.83
N VAL A 264 -12.98 13.33 -6.39
CA VAL A 264 -12.24 12.67 -7.45
C VAL A 264 -11.44 11.48 -6.92
N GLY A 265 -10.79 11.67 -5.77
CA GLY A 265 -9.99 10.59 -5.18
C GLY A 265 -10.81 9.34 -4.89
N LEU A 266 -12.04 9.54 -4.42
CA LEU A 266 -12.94 8.40 -4.19
C LEU A 266 -13.21 7.63 -5.48
N LYS A 267 -13.48 8.34 -6.58
CA LYS A 267 -13.69 7.67 -7.88
C LYS A 267 -12.45 6.93 -8.36
N ILE A 268 -11.29 7.55 -8.20
CA ILE A 268 -10.03 6.94 -8.62
C ILE A 268 -9.73 5.66 -7.80
N TYR A 269 -9.89 5.74 -6.48
CA TYR A 269 -9.60 4.59 -5.63
C TYR A 269 -10.53 3.42 -5.93
N GLU A 270 -11.81 3.73 -6.21
CA GLU A 270 -12.76 2.69 -6.56
C GLU A 270 -12.43 2.03 -7.90
N ALA A 271 -12.15 2.85 -8.91
CA ALA A 271 -11.76 2.35 -10.22
C ALA A 271 -10.48 1.51 -10.15
N ALA A 272 -9.51 1.94 -9.35
CA ALA A 272 -8.25 1.22 -9.20
C ALA A 272 -8.43 -0.19 -8.63
N GLY A 273 -9.50 -0.38 -7.85
CA GLY A 273 -9.79 -1.69 -7.23
C GLY A 273 -10.37 -2.70 -8.20
N ARG A 274 -10.73 -2.23 -9.40
CA ARG A 274 -11.36 -3.09 -10.42
C ARG A 274 -10.33 -3.68 -11.36
N LEU A 275 -10.59 -4.91 -11.80
CA LEU A 275 -9.73 -5.51 -12.81
C LEU A 275 -10.29 -5.17 -14.19
N ALA A 276 -9.67 -4.20 -14.88
CA ALA A 276 -10.08 -3.89 -16.25
C ALA A 276 -9.89 -5.11 -17.17
N PRO A 277 -10.69 -5.23 -18.24
CA PRO A 277 -10.49 -6.37 -19.14
C PRO A 277 -9.05 -6.51 -19.62
N GLY A 278 -8.48 -7.69 -19.37
CA GLY A 278 -7.13 -8.03 -19.80
C GLY A 278 -6.04 -7.59 -18.84
N GLN A 279 -6.43 -6.91 -17.77
CA GLN A 279 -5.45 -6.43 -16.77
C GLN A 279 -4.81 -7.61 -16.05
N THR A 280 -3.52 -7.52 -15.76
CA THR A 280 -2.76 -8.65 -15.19
C THR A 280 -2.04 -8.30 -13.89
N TRP A 281 -2.62 -7.37 -13.14
CA TRP A 281 -2.08 -6.99 -11.82
C TRP A 281 -3.13 -6.31 -10.99
N PHE A 282 -2.84 -6.19 -9.70
CA PHE A 282 -3.66 -5.39 -8.81
C PHE A 282 -3.07 -3.98 -8.84
N LYS A 283 -3.84 -3.02 -9.36
CA LYS A 283 -3.36 -1.64 -9.43
C LYS A 283 -3.09 -1.07 -8.04
N ARG A 284 -2.00 -0.31 -7.94
CA ARG A 284 -1.75 0.53 -6.76
C ARG A 284 -2.26 1.94 -7.05
N ALA A 285 -3.05 2.48 -6.12
CA ALA A 285 -3.49 3.88 -6.22
C ALA A 285 -3.19 4.60 -4.93
N TYR A 286 -2.50 5.73 -5.07
CA TYR A 286 -2.24 6.62 -3.94
C TYR A 286 -3.06 7.85 -4.20
N VAL A 287 -3.94 8.18 -3.24
CA VAL A 287 -4.83 9.32 -3.39
C VAL A 287 -4.68 10.22 -2.18
N GLU A 288 -4.19 11.42 -2.40
CA GLU A 288 -4.00 12.34 -1.32
C GLU A 288 -4.97 13.49 -1.54
N THR A 289 -5.93 13.59 -0.61
CA THR A 289 -7.17 14.30 -0.85
C THR A 289 -7.24 15.50 0.10
N GLY A 290 -8.43 16.03 0.35
CA GLY A 290 -8.52 17.31 1.03
C GLY A 290 -8.42 17.23 2.54
N GLY A 291 -8.72 18.36 3.18
CA GLY A 291 -8.79 18.43 4.63
C GLY A 291 -9.81 19.45 5.08
N LYS A 292 -10.17 19.37 6.36
CA LYS A 292 -10.89 20.43 7.04
C LYS A 292 -10.12 20.73 8.32
N ASP A 293 -9.04 21.49 8.17
CA ASP A 293 -7.98 21.56 9.18
C ASP A 293 -8.26 22.61 10.23
N ALA A 294 -8.05 22.24 11.49
CA ALA A 294 -8.31 23.14 12.60
C ALA A 294 -7.06 23.55 13.34
N ILE A 295 -7.09 24.79 13.83
CA ILE A 295 -6.15 25.23 14.86
C ILE A 295 -6.92 25.40 16.15
N ILE A 296 -6.45 24.74 17.21
CA ILE A 296 -7.00 24.91 18.57
C ILE A 296 -6.16 25.94 19.29
N VAL A 297 -6.80 26.87 20.00
CA VAL A 297 -6.08 27.76 20.88
C VAL A 297 -6.73 27.69 22.26
N ASP A 298 -5.93 27.49 23.29
CA ASP A 298 -6.46 27.48 24.65
C ASP A 298 -6.05 28.73 25.43
N GLU A 299 -6.53 28.87 26.66
CA GLU A 299 -6.34 30.14 27.39
C GLU A 299 -4.89 30.40 27.86
N THR A 300 -4.01 29.43 27.64
CA THR A 300 -2.62 29.53 28.08
C THR A 300 -1.71 30.03 26.97
N ALA A 301 -2.24 30.10 25.75
CA ALA A 301 -1.44 30.47 24.57
C ALA A 301 -0.95 31.89 24.54
N ASP A 302 0.08 32.13 23.74
CA ASP A 302 0.45 33.47 23.34
C ASP A 302 -0.56 33.88 22.27
N PHE A 303 -1.52 34.72 22.65
CA PHE A 303 -2.63 35.05 21.76
C PHE A 303 -2.20 35.80 20.52
N ASP A 304 -1.18 36.65 20.65
CA ASP A 304 -0.68 37.39 19.48
C ASP A 304 0.02 36.46 18.49
N LEU A 305 0.86 35.58 19.04
CA LEU A 305 1.48 34.53 18.23
C LEU A 305 0.42 33.68 17.54
N ALA A 306 -0.60 33.27 18.29
CA ALA A 306 -1.70 32.47 17.75
C ALA A 306 -2.41 33.16 16.60
N ALA A 307 -2.79 34.42 16.81
CA ALA A 307 -3.53 35.15 15.81
C ALA A 307 -2.75 35.27 14.49
N GLU A 308 -1.46 35.55 14.60
CA GLU A 308 -0.60 35.64 13.41
C GLU A 308 -0.56 34.31 12.66
N GLY A 309 -0.36 33.21 13.39
CA GLY A 309 -0.28 31.90 12.76
C GLY A 309 -1.58 31.46 12.13
N VAL A 310 -2.69 31.81 12.77
CA VAL A 310 -4.01 31.50 12.24
C VAL A 310 -4.26 32.26 10.93
N VAL A 311 -3.94 33.55 10.91
CA VAL A 311 -4.11 34.35 9.70
C VAL A 311 -3.25 33.83 8.54
N VAL A 312 -1.98 33.54 8.80
CA VAL A 312 -1.13 32.91 7.79
C VAL A 312 -1.72 31.58 7.27
N SER A 313 -2.14 30.72 8.22
CA SER A 313 -2.65 29.39 7.87
C SER A 313 -3.96 29.43 7.13
N ALA A 314 -4.84 30.38 7.50
CA ALA A 314 -6.18 30.46 6.90
C ALA A 314 -6.18 31.15 5.54
N TYR A 315 -5.31 32.15 5.37
CA TYR A 315 -5.43 33.01 4.20
C TYR A 315 -4.26 32.96 3.23
N GLY A 316 -3.17 32.29 3.61
CA GLY A 316 -2.08 32.09 2.64
C GLY A 316 -2.59 31.40 1.38
N PHE A 317 -2.18 31.91 0.21
CA PHE A 317 -2.73 31.49 -1.09
C PHE A 317 -4.27 31.39 -1.07
N GLN A 318 -4.89 32.38 -0.43
CA GLN A 318 -6.35 32.56 -0.45
C GLN A 318 -7.09 31.37 0.16
N GLY A 319 -6.42 30.65 1.07
CA GLY A 319 -7.01 29.45 1.70
C GLY A 319 -7.11 28.24 0.77
N GLN A 320 -6.44 28.31 -0.38
CA GLN A 320 -6.49 27.25 -1.39
C GLN A 320 -5.39 26.21 -1.15
N LYS A 321 -5.36 25.69 0.06
CA LYS A 321 -4.39 24.65 0.41
C LYS A 321 -5.09 23.52 1.13
N CYS A 322 -4.66 22.30 0.86
CA CYS A 322 -5.19 21.12 1.57
C CYS A 322 -4.89 21.22 3.08
N SER A 323 -3.88 22.04 3.42
CA SER A 323 -3.38 22.23 4.78
C SER A 323 -3.91 23.47 5.49
N ALA A 324 -4.68 24.29 4.77
CA ALA A 324 -5.13 25.57 5.28
C ALA A 324 -5.99 25.44 6.53
N ALA A 325 -5.83 26.35 7.49
CA ALA A 325 -6.71 26.37 8.66
C ALA A 325 -8.05 26.93 8.21
N SER A 326 -9.05 26.05 8.12
CA SER A 326 -10.42 26.47 7.82
C SER A 326 -11.31 26.44 9.08
N ARG A 327 -10.78 25.91 10.17
CA ARG A 327 -11.49 25.93 11.45
C ARG A 327 -10.59 26.51 12.52
N LEU A 328 -11.15 27.39 13.36
CA LEU A 328 -10.42 27.92 14.51
C LEU A 328 -11.25 27.54 15.73
N ILE A 329 -10.69 26.67 16.57
CA ILE A 329 -11.40 26.13 17.71
C ILE A 329 -10.87 26.79 18.96
N LEU A 330 -11.71 27.60 19.60
CA LEU A 330 -11.24 28.41 20.71
C LEU A 330 -11.92 27.97 22.01
N THR A 331 -11.12 27.67 23.03
CA THR A 331 -11.68 27.39 24.37
C THR A 331 -12.29 28.68 24.92
N GLN A 332 -13.11 28.57 25.97
CA GLN A 332 -13.87 29.72 26.44
C GLN A 332 -12.95 30.90 26.80
N GLY A 333 -11.84 30.61 27.47
CA GLY A 333 -10.91 31.63 27.91
C GLY A 333 -10.13 32.27 26.76
N ALA A 334 -9.99 31.54 25.66
CA ALA A 334 -9.27 32.06 24.50
C ALA A 334 -10.16 32.79 23.51
N TYR A 335 -11.47 32.59 23.60
CA TYR A 335 -12.39 33.02 22.54
C TYR A 335 -12.29 34.52 22.21
N GLU A 336 -12.64 35.38 23.17
CA GLU A 336 -12.62 36.81 22.91
C GLU A 336 -11.22 37.35 22.53
N PRO A 337 -10.20 37.04 23.35
CA PRO A 337 -8.88 37.60 23.01
C PRO A 337 -8.34 37.17 21.65
N VAL A 338 -8.51 35.89 21.28
CA VAL A 338 -7.98 35.43 20.01
C VAL A 338 -8.82 35.92 18.83
N LEU A 339 -10.14 35.82 18.94
CA LEU A 339 -11.01 36.26 17.84
C LEU A 339 -10.78 37.73 17.53
N GLU A 340 -10.66 38.56 18.57
CA GLU A 340 -10.50 40.00 18.33
C GLU A 340 -9.19 40.25 17.58
N ARG A 341 -8.13 39.55 18.00
CA ARG A 341 -6.82 39.68 17.36
C ARG A 341 -6.80 39.17 15.92
N VAL A 342 -7.48 38.04 15.69
CA VAL A 342 -7.60 37.48 14.34
C VAL A 342 -8.35 38.45 13.41
N LEU A 343 -9.45 39.03 13.90
CA LEU A 343 -10.23 39.97 13.11
C LEU A 343 -9.43 41.21 12.75
N LYS A 344 -8.71 41.75 13.73
CA LYS A 344 -7.87 42.94 13.52
C LYS A 344 -6.76 42.70 12.50
N ARG A 345 -6.12 41.52 12.57
CA ARG A 345 -5.08 41.17 11.60
C ARG A 345 -5.70 40.94 10.23
N ALA A 346 -6.80 40.20 10.19
CA ALA A 346 -7.38 39.81 8.90
C ALA A 346 -7.97 41.00 8.15
N GLU A 347 -8.49 41.97 8.88
CA GLU A 347 -9.11 43.11 8.22
C GLU A 347 -8.06 44.00 7.52
N ARG A 348 -6.78 43.84 7.88
CA ARG A 348 -5.66 44.60 7.29
C ARG A 348 -5.04 43.95 6.06
N LEU A 349 -5.50 42.74 5.71
CA LEU A 349 -4.95 42.02 4.58
C LEU A 349 -5.33 42.69 3.26
N SER A 350 -4.33 42.83 2.39
CA SER A 350 -4.57 43.40 1.06
C SER A 350 -4.98 42.30 0.08
N VAL A 351 -5.83 42.67 -0.88
CA VAL A 351 -6.30 41.76 -1.93
C VAL A 351 -6.18 42.47 -3.27
N GLY A 352 -5.54 41.81 -4.23
CA GLY A 352 -5.41 42.38 -5.56
C GLY A 352 -4.66 41.48 -6.52
N PRO A 353 -4.36 41.98 -7.72
CA PRO A 353 -3.64 41.22 -8.71
C PRO A 353 -2.36 40.63 -8.12
N ALA A 354 -2.13 39.35 -8.36
CA ALA A 354 -1.01 38.63 -7.76
C ALA A 354 0.35 39.28 -8.09
N GLU A 355 0.48 39.84 -9.30
CA GLU A 355 1.74 40.50 -9.69
C GLU A 355 2.15 41.62 -8.73
N GLU A 356 1.16 42.23 -8.06
CA GLU A 356 1.42 43.33 -7.11
C GLU A 356 1.92 42.84 -5.75
N ASN A 357 2.08 41.52 -5.61
CA ASN A 357 2.46 40.92 -4.33
C ASN A 357 1.54 41.32 -3.16
N PRO A 358 0.21 41.13 -3.34
CA PRO A 358 -0.72 41.44 -2.26
C PRO A 358 -0.64 40.33 -1.22
N ASP A 359 -1.33 40.52 -0.10
CA ASP A 359 -1.48 39.44 0.87
C ASP A 359 -2.26 38.28 0.28
N LEU A 360 -3.32 38.60 -0.46
CA LEU A 360 -4.13 37.60 -1.18
C LEU A 360 -4.28 38.03 -2.64
N GLY A 361 -4.03 37.10 -3.54
CA GLY A 361 -4.41 37.27 -4.93
C GLY A 361 -5.85 36.81 -5.10
N PRO A 362 -6.24 36.47 -6.34
CA PRO A 362 -7.58 35.98 -6.63
C PRO A 362 -7.65 34.49 -6.36
N VAL A 363 -8.86 33.93 -6.24
CA VAL A 363 -9.03 32.48 -6.33
C VAL A 363 -8.83 32.08 -7.81
N VAL A 364 -8.68 30.78 -8.07
CA VAL A 364 -8.02 30.37 -9.32
C VAL A 364 -8.87 30.46 -10.59
N SER A 365 -10.20 30.44 -10.45
CA SER A 365 -11.08 30.31 -11.61
C SER A 365 -12.48 30.79 -11.28
N ALA A 366 -13.27 31.03 -12.32
CA ALA A 366 -14.69 31.37 -12.14
C ALA A 366 -15.45 30.29 -11.38
N GLU A 367 -15.16 29.03 -11.67
CA GLU A 367 -15.81 27.91 -10.98
C GLU A 367 -15.44 27.89 -9.50
N GLN A 368 -14.15 28.09 -9.19
CA GLN A 368 -13.74 28.18 -7.80
C GLN A 368 -14.41 29.37 -7.10
N GLU A 369 -14.46 30.52 -7.77
CA GLU A 369 -15.13 31.67 -7.21
C GLU A 369 -16.60 31.35 -6.90
N ARG A 370 -17.26 30.72 -7.86
CA ARG A 370 -18.68 30.37 -7.69
C ARG A 370 -18.88 29.46 -6.48
N LYS A 371 -17.99 28.47 -6.30
CA LYS A 371 -18.11 27.53 -5.20
C LYS A 371 -17.87 28.20 -3.84
N VAL A 372 -16.83 29.02 -3.75
CA VAL A 372 -16.54 29.72 -2.50
C VAL A 372 -17.68 30.68 -2.12
N LEU A 373 -18.19 31.41 -3.10
CA LEU A 373 -19.30 32.35 -2.82
C LEU A 373 -20.56 31.59 -2.40
N SER A 374 -20.77 30.42 -3.00
CA SER A 374 -21.91 29.56 -2.65
C SER A 374 -21.80 29.09 -1.19
N TYR A 375 -20.61 28.70 -0.77
CA TYR A 375 -20.38 28.32 0.61
C TYR A 375 -20.53 29.49 1.59
N ILE A 376 -20.21 30.69 1.13
CA ILE A 376 -20.41 31.88 1.94
C ILE A 376 -21.92 32.10 2.19
N GLU A 377 -22.72 31.90 1.15
CA GLU A 377 -24.18 31.98 1.30
C GLU A 377 -24.72 30.94 2.26
N ILE A 378 -24.25 29.71 2.12
CA ILE A 378 -24.61 28.63 3.06
C ILE A 378 -24.23 29.02 4.50
N GLY A 379 -23.00 29.51 4.66
CA GLY A 379 -22.49 29.94 5.96
C GLY A 379 -23.31 31.01 6.67
N LYS A 380 -23.84 31.95 5.90
CA LYS A 380 -24.70 33.00 6.44
C LYS A 380 -25.93 32.47 7.17
N ASN A 381 -26.34 31.25 6.82
CA ASN A 381 -27.47 30.60 7.49
C ASN A 381 -27.08 29.54 8.52
N GLU A 382 -25.80 29.45 8.81
CA GLU A 382 -25.27 28.44 9.73
C GLU A 382 -24.57 29.09 10.90
N GLY A 383 -23.74 30.08 10.61
CA GLY A 383 -23.00 30.83 11.62
C GLY A 383 -23.19 32.32 11.48
N GLN A 384 -22.40 33.09 12.24
CA GLN A 384 -22.52 34.54 12.25
C GLN A 384 -21.36 35.13 11.45
N LEU A 385 -21.68 35.80 10.34
CA LEU A 385 -20.67 36.46 9.54
C LEU A 385 -20.13 37.69 10.28
N VAL A 386 -18.81 37.72 10.51
CA VAL A 386 -18.17 38.83 11.23
C VAL A 386 -17.06 39.55 10.45
N LEU A 387 -16.71 39.05 9.26
CA LEU A 387 -15.75 39.72 8.39
C LEU A 387 -15.88 39.22 6.95
N GLY A 388 -15.81 40.15 6.01
CA GLY A 388 -15.76 39.82 4.58
C GLY A 388 -17.05 39.23 4.05
N GLY A 389 -16.93 38.11 3.35
CA GLY A 389 -18.08 37.40 2.80
C GLY A 389 -18.56 37.94 1.48
N LYS A 390 -17.69 38.67 0.78
CA LYS A 390 -18.04 39.31 -0.48
C LYS A 390 -16.98 39.13 -1.56
N ARG A 391 -17.43 39.10 -2.81
CA ARG A 391 -16.53 39.28 -3.94
C ARG A 391 -16.17 40.76 -3.96
N LEU A 392 -14.92 41.05 -4.27
CA LEU A 392 -14.49 42.43 -4.38
C LEU A 392 -14.58 42.87 -5.84
N GLU A 393 -14.49 44.18 -6.06
CA GLU A 393 -14.58 44.75 -7.41
C GLU A 393 -13.39 44.36 -8.27
N GLY A 394 -13.64 44.16 -9.56
CA GLY A 394 -12.58 43.82 -10.51
C GLY A 394 -12.89 42.59 -11.34
N GLU A 395 -12.23 42.49 -12.49
CA GLU A 395 -12.40 41.37 -13.42
C GLU A 395 -11.85 40.08 -12.78
N GLY A 396 -10.75 40.22 -12.05
CA GLY A 396 -10.12 39.08 -11.37
C GLY A 396 -11.00 38.47 -10.29
N TYR A 397 -10.72 37.22 -9.92
CA TYR A 397 -11.60 36.51 -9.00
C TYR A 397 -11.28 36.80 -7.53
N PHE A 398 -11.47 38.06 -7.11
CA PHE A 398 -11.05 38.51 -5.79
C PHE A 398 -12.15 38.31 -4.77
N ILE A 399 -11.82 37.58 -3.70
CA ILE A 399 -12.76 37.35 -2.60
C ILE A 399 -12.08 37.86 -1.32
N ALA A 400 -12.84 38.60 -0.52
CA ALA A 400 -12.35 39.16 0.75
C ALA A 400 -12.11 38.08 1.79
N PRO A 401 -11.05 38.22 2.61
CA PRO A 401 -10.92 37.33 3.76
C PRO A 401 -12.22 37.31 4.57
N THR A 402 -12.70 36.10 4.87
CA THR A 402 -14.02 35.91 5.45
C THR A 402 -13.92 35.13 6.76
N VAL A 403 -14.68 35.57 7.76
CA VAL A 403 -14.74 34.90 9.06
C VAL A 403 -16.20 34.72 9.46
N PHE A 404 -16.56 33.49 9.81
CA PHE A 404 -17.83 33.18 10.50
C PHE A 404 -17.50 32.76 11.91
N THR A 405 -18.31 33.18 12.88
CA THR A 405 -18.13 32.75 14.26
C THR A 405 -19.41 32.11 14.84
N GLU A 406 -19.29 31.54 16.05
CA GLU A 406 -20.34 30.72 16.68
C GLU A 406 -20.87 29.68 15.69
N VAL A 407 -19.93 29.02 15.00
CA VAL A 407 -20.30 28.03 14.00
C VAL A 407 -20.53 26.71 14.72
N PRO A 408 -21.70 26.06 14.47
CA PRO A 408 -21.90 24.71 15.02
C PRO A 408 -20.90 23.73 14.38
N PRO A 409 -20.30 22.85 15.22
CA PRO A 409 -19.33 21.87 14.73
C PRO A 409 -19.80 21.03 13.54
N LYS A 410 -21.12 20.78 13.45
CA LYS A 410 -21.70 19.97 12.38
C LYS A 410 -22.25 20.77 11.20
N ALA A 411 -22.10 22.09 11.25
CA ALA A 411 -22.51 22.93 10.12
C ALA A 411 -21.73 22.52 8.89
N ARG A 412 -22.35 22.69 7.73
CA ARG A 412 -21.67 22.43 6.45
C ARG A 412 -20.34 23.17 6.34
N ILE A 413 -20.31 24.44 6.74
CA ILE A 413 -19.06 25.20 6.66
C ILE A 413 -18.01 24.77 7.68
N ALA A 414 -18.41 23.95 8.65
CA ALA A 414 -17.47 23.37 9.61
C ALA A 414 -17.05 21.94 9.26
N GLN A 415 -17.57 21.39 8.18
CA GLN A 415 -17.35 19.99 7.81
C GLN A 415 -16.81 19.81 6.40
N GLU A 416 -17.26 20.65 5.48
CA GLU A 416 -16.95 20.51 4.05
C GLU A 416 -15.82 21.43 3.64
N GLU A 417 -14.95 20.94 2.76
CA GLU A 417 -13.78 21.70 2.34
C GLU A 417 -14.18 22.79 1.34
N ILE A 418 -14.07 24.05 1.77
CA ILE A 418 -14.46 25.21 0.96
C ILE A 418 -13.35 25.62 0.00
N PHE A 419 -12.10 25.54 0.47
CA PHE A 419 -10.93 25.80 -0.36
C PHE A 419 -10.89 27.26 -0.86
N GLY A 420 -11.26 28.16 0.03
CA GLY A 420 -11.20 29.60 -0.25
C GLY A 420 -10.89 30.30 1.06
N PRO A 421 -10.86 31.65 1.04
CA PRO A 421 -10.47 32.42 2.22
C PRO A 421 -11.61 32.56 3.22
N VAL A 422 -12.03 31.43 3.79
CA VAL A 422 -13.20 31.38 4.65
C VAL A 422 -12.87 30.59 5.91
N LEU A 423 -12.81 31.30 7.03
CA LEU A 423 -12.48 30.68 8.32
C LEU A 423 -13.74 30.55 9.17
N SER A 424 -13.94 29.34 9.72
CA SER A 424 -15.06 29.07 10.63
C SER A 424 -14.57 28.97 12.06
N VAL A 425 -15.10 29.84 12.94
CA VAL A 425 -14.67 29.89 14.33
C VAL A 425 -15.67 29.16 15.21
N ILE A 426 -15.16 28.24 16.03
CA ILE A 426 -15.97 27.33 16.85
C ILE A 426 -15.57 27.54 18.31
N ARG A 427 -16.57 27.83 19.16
CA ARG A 427 -16.34 28.11 20.57
C ARG A 427 -16.63 26.86 21.38
N VAL A 428 -15.65 26.42 22.18
CA VAL A 428 -15.77 25.20 22.99
C VAL A 428 -15.41 25.50 24.44
N LYS A 429 -15.75 24.58 25.35
CA LYS A 429 -15.57 24.83 26.76
C LYS A 429 -14.10 24.75 27.18
N ASP A 430 -13.45 23.67 26.78
CA ASP A 430 -12.11 23.39 27.26
C ASP A 430 -11.33 22.59 26.23
N PHE A 431 -10.10 22.23 26.60
CA PHE A 431 -9.23 21.50 25.68
C PHE A 431 -9.76 20.13 25.25
N ALA A 432 -10.38 19.41 26.18
CA ALA A 432 -11.01 18.12 25.85
C ALA A 432 -12.08 18.28 24.77
N GLU A 433 -12.97 19.26 24.93
CA GLU A 433 -13.97 19.52 23.90
C GLU A 433 -13.33 19.99 22.59
N ALA A 434 -12.27 20.80 22.70
CA ALA A 434 -11.52 21.24 21.51
C ALA A 434 -11.02 20.06 20.67
N LEU A 435 -10.46 19.05 21.34
CA LEU A 435 -9.97 17.86 20.64
C LEU A 435 -11.11 17.06 20.02
N GLU A 436 -12.22 16.93 20.76
CA GLU A 436 -13.41 16.23 20.23
C GLU A 436 -13.89 16.89 18.95
N VAL A 437 -14.02 18.21 18.98
CA VAL A 437 -14.47 18.95 17.82
C VAL A 437 -13.44 18.84 16.68
N ALA A 438 -12.16 18.97 17.02
CA ALA A 438 -11.10 18.85 16.01
C ALA A 438 -11.17 17.52 15.27
N ASN A 439 -11.39 16.43 16.00
CA ASN A 439 -11.41 15.09 15.43
C ASN A 439 -12.68 14.74 14.68
N ASP A 440 -13.77 15.45 14.99
CA ASP A 440 -15.07 15.08 14.44
C ASP A 440 -15.32 15.71 13.07
N THR A 441 -14.50 15.28 12.09
CA THR A 441 -14.76 15.53 10.68
C THR A 441 -14.36 14.27 9.93
N PRO A 442 -14.73 14.17 8.63
CA PRO A 442 -14.29 12.98 7.88
C PRO A 442 -12.80 12.98 7.52
N TYR A 443 -12.13 14.10 7.79
CA TYR A 443 -10.76 14.34 7.33
C TYR A 443 -9.73 14.17 8.44
N GLY A 444 -8.45 14.29 8.08
CA GLY A 444 -7.36 14.14 9.07
C GLY A 444 -6.01 14.54 8.50
N LEU A 445 -5.96 15.73 7.91
CA LEU A 445 -4.73 16.15 7.22
C LEU A 445 -3.76 16.94 8.09
N THR A 446 -4.06 18.21 8.34
CA THR A 446 -3.20 19.03 9.19
C THR A 446 -4.02 19.54 10.37
N GLY A 447 -3.30 19.98 11.39
CA GLY A 447 -3.92 20.55 12.58
C GLY A 447 -2.86 21.32 13.33
N GLY A 448 -3.31 22.21 14.19
CA GLY A 448 -2.40 22.93 15.08
C GLY A 448 -2.97 23.16 16.45
N VAL A 449 -2.06 23.39 17.40
CA VAL A 449 -2.43 23.80 18.75
C VAL A 449 -1.53 24.94 19.18
N TYR A 450 -2.12 26.05 19.58
CA TYR A 450 -1.40 27.08 20.33
C TYR A 450 -1.75 26.93 21.80
N SER A 451 -0.72 26.69 22.61
CA SER A 451 -0.86 26.42 24.04
C SER A 451 0.52 26.46 24.68
N ARG A 452 0.62 26.95 25.91
CA ARG A 452 1.88 26.81 26.65
C ARG A 452 1.83 25.62 27.60
N LYS A 453 0.66 25.00 27.73
CA LYS A 453 0.49 23.91 28.69
C LYS A 453 1.04 22.61 28.13
N ARG A 454 2.13 22.12 28.71
CA ARG A 454 2.82 20.91 28.20
C ARG A 454 1.87 19.73 28.06
N GLU A 455 1.00 19.55 29.04
CA GLU A 455 0.10 18.40 29.06
C GLU A 455 -0.94 18.46 27.94
N HIS A 456 -1.32 19.67 27.53
CA HIS A 456 -2.24 19.83 26.40
C HIS A 456 -1.53 19.51 25.09
N LEU A 457 -0.31 20.04 24.93
CA LEU A 457 0.48 19.70 23.73
C LEU A 457 0.71 18.21 23.59
N GLU A 458 1.14 17.55 24.66
CA GLU A 458 1.46 16.11 24.58
C GLU A 458 0.20 15.26 24.41
N TRP A 459 -0.90 15.70 25.00
CA TRP A 459 -2.22 15.10 24.76
C TRP A 459 -2.57 15.17 23.27
N ALA A 460 -2.40 16.34 22.67
CA ALA A 460 -2.70 16.52 21.26
C ALA A 460 -1.75 15.65 20.40
N ARG A 461 -0.48 15.55 20.82
CA ARG A 461 0.45 14.69 20.10
C ARG A 461 -0.09 13.27 19.99
N ARG A 462 -0.76 12.81 21.06
CA ARG A 462 -1.32 11.46 21.12
C ARG A 462 -2.71 11.32 20.50
N GLU A 463 -3.51 12.39 20.56
CA GLU A 463 -4.93 12.24 20.23
C GLU A 463 -5.56 13.17 19.19
N PHE A 464 -4.84 14.19 18.74
CA PHE A 464 -5.34 15.08 17.70
C PHE A 464 -5.03 14.35 16.39
N HIS A 465 -6.03 13.69 15.82
CA HIS A 465 -5.78 12.65 14.83
C HIS A 465 -5.66 13.21 13.42
N VAL A 466 -4.50 13.81 13.17
CA VAL A 466 -4.16 14.36 11.85
C VAL A 466 -2.74 13.89 11.49
N GLY A 467 -2.45 13.79 10.19
CA GLY A 467 -1.14 13.30 9.76
C GLY A 467 0.00 14.28 9.98
N ASN A 468 -0.32 15.57 10.01
CA ASN A 468 0.66 16.63 10.15
C ASN A 468 0.19 17.63 11.16
N LEU A 469 0.81 17.59 12.33
CA LEU A 469 0.37 18.37 13.49
C LEU A 469 1.47 19.35 13.88
N TYR A 470 1.07 20.59 14.20
CA TYR A 470 2.05 21.64 14.54
C TYR A 470 1.68 22.37 15.80
N PHE A 471 2.68 22.63 16.65
CA PHE A 471 2.45 23.32 17.91
C PHE A 471 3.10 24.70 17.91
N ASN A 472 2.30 25.71 18.24
CA ASN A 472 2.78 27.09 18.36
C ASN A 472 3.44 27.65 17.10
N ARG A 473 2.85 27.27 15.96
CA ARG A 473 3.27 27.75 14.66
C ARG A 473 2.19 27.44 13.62
N LYS A 474 2.36 28.03 12.43
CA LYS A 474 1.44 27.80 11.32
C LYS A 474 1.32 26.32 10.93
N ILE A 475 0.18 25.94 10.34
CA ILE A 475 -0.04 24.53 9.99
C ILE A 475 0.15 24.23 8.51
N THR A 476 0.55 25.25 7.76
CA THR A 476 0.83 25.09 6.34
C THR A 476 2.34 25.05 6.08
N GLY A 477 2.71 24.72 4.85
CA GLY A 477 4.11 24.81 4.43
C GLY A 477 5.02 23.72 4.97
N ALA A 478 4.50 22.50 5.06
CA ALA A 478 5.32 21.32 5.44
C ALA A 478 6.53 21.27 4.54
N LEU A 479 7.70 21.15 5.15
CA LEU A 479 8.96 21.07 4.41
C LEU A 479 9.38 19.65 4.09
N VAL A 480 9.78 19.45 2.83
CA VAL A 480 10.32 18.16 2.39
C VAL A 480 11.44 17.71 3.33
N GLY A 481 11.41 16.44 3.74
CA GLY A 481 12.45 15.91 4.62
C GLY A 481 12.16 16.12 6.10
N VAL A 482 11.72 17.33 6.46
CA VAL A 482 11.49 17.74 7.84
C VAL A 482 10.16 17.20 8.36
N GLN A 483 9.12 17.41 7.56
CA GLN A 483 7.76 17.03 7.93
C GLN A 483 7.11 16.16 6.85
N PRO A 484 7.32 14.82 6.93
CA PRO A 484 6.65 13.89 6.01
C PRO A 484 5.18 14.29 5.88
N PHE A 485 4.71 14.49 4.65
CA PHE A 485 3.40 15.12 4.48
C PHE A 485 2.33 14.16 3.98
N GLY A 486 1.20 14.08 4.70
CA GLY A 486 0.12 13.20 4.30
C GLY A 486 -0.80 12.89 5.47
N GLY A 487 -2.06 12.63 5.15
CA GLY A 487 -3.09 12.54 6.19
C GLY A 487 -3.68 11.19 6.51
N PHE A 488 -4.71 11.24 7.35
CA PHE A 488 -5.49 10.09 7.77
C PHE A 488 -6.92 10.23 7.25
N LYS A 489 -7.69 9.15 7.41
CA LYS A 489 -9.13 9.19 7.15
C LYS A 489 -9.37 9.62 5.69
N LEU A 490 -10.36 10.47 5.45
CA LEU A 490 -10.67 10.81 4.06
C LEU A 490 -9.76 11.91 3.48
N SER A 491 -8.67 12.22 4.21
CA SER A 491 -7.60 13.02 3.65
C SER A 491 -6.63 12.19 2.81
N GLY A 492 -6.88 10.89 2.71
CA GLY A 492 -6.21 10.08 1.69
C GLY A 492 -5.57 8.80 2.20
N THR A 493 -4.57 8.32 1.45
CA THR A 493 -3.96 7.01 1.71
C THR A 493 -2.69 7.06 2.58
N ASN A 494 -2.36 8.25 3.09
CA ASN A 494 -1.18 8.46 3.95
C ASN A 494 0.15 8.19 3.23
N ALA A 495 0.20 8.43 1.91
CA ALA A 495 1.49 8.39 1.20
C ALA A 495 2.26 9.59 1.70
N LYS A 496 3.35 9.36 2.41
CA LYS A 496 4.03 10.49 3.04
C LYS A 496 5.07 11.07 2.09
N THR A 497 4.75 12.22 1.48
CA THR A 497 5.68 12.86 0.56
C THR A 497 6.85 13.46 1.33
N GLY A 498 7.99 13.55 0.65
CA GLY A 498 9.20 14.08 1.26
C GLY A 498 9.69 13.25 2.44
N ALA A 499 9.50 11.94 2.33
CA ALA A 499 9.93 10.98 3.35
C ALA A 499 10.50 9.76 2.66
N LEU A 500 11.40 9.07 3.35
CA LEU A 500 12.02 7.85 2.82
C LEU A 500 10.97 6.84 2.38
N ASP A 501 9.89 6.72 3.17
CA ASP A 501 8.82 5.76 2.91
C ASP A 501 8.12 5.96 1.57
N TYR A 502 8.11 7.19 1.05
CA TYR A 502 7.37 7.47 -0.18
C TYR A 502 7.80 6.56 -1.33
N LEU A 503 9.11 6.35 -1.48
CA LEU A 503 9.59 5.64 -2.67
C LEU A 503 9.22 4.17 -2.64
N ARG A 504 9.07 3.62 -1.44
CA ARG A 504 8.72 2.20 -1.27
C ARG A 504 7.37 1.89 -1.92
N LEU A 505 6.50 2.90 -1.97
CA LEU A 505 5.18 2.78 -2.60
C LEU A 505 5.28 2.44 -4.09
N PHE A 506 6.44 2.71 -4.69
CA PHE A 506 6.59 2.54 -6.14
C PHE A 506 7.57 1.42 -6.50
N LEU A 507 7.71 0.51 -5.54
CA LEU A 507 8.59 -0.65 -5.69
C LEU A 507 7.86 -1.92 -5.28
N GLU A 508 8.30 -3.04 -5.87
CA GLU A 508 7.93 -4.37 -5.37
C GLU A 508 9.20 -5.14 -5.09
N MET A 509 9.09 -6.22 -4.32
CA MET A 509 10.26 -6.97 -3.86
C MET A 509 10.30 -8.35 -4.47
N LYS A 510 11.51 -8.77 -4.87
CA LYS A 510 11.79 -10.12 -5.34
C LYS A 510 12.76 -10.78 -4.36
N ALA A 511 12.58 -12.07 -4.11
CA ALA A 511 13.49 -12.84 -3.26
C ALA A 511 14.05 -13.97 -4.08
N VAL A 512 15.37 -14.02 -4.21
CA VAL A 512 16.02 -15.05 -5.03
C VAL A 512 17.01 -15.87 -4.21
N ALA A 513 16.81 -17.19 -4.18
CA ALA A 513 17.66 -18.12 -3.42
C ALA A 513 18.43 -18.98 -4.40
N GLU A 514 19.73 -19.12 -4.17
CA GLU A 514 20.52 -20.14 -4.88
C GLU A 514 21.08 -21.13 -3.87
N ARG A 515 20.77 -22.41 -4.05
CA ARG A 515 21.36 -23.47 -3.26
C ARG A 515 22.62 -23.95 -4.00
N PHE A 516 23.78 -23.81 -3.37
CA PHE A 516 25.04 -24.12 -4.06
C PHE A 516 25.37 -25.59 -4.13
N MET B 1 13.57 -4.74 25.38
CA MET B 1 13.48 -6.21 25.14
C MET B 1 14.75 -6.72 24.43
N THR B 2 15.46 -7.66 25.07
CA THR B 2 16.58 -8.35 24.41
C THR B 2 16.39 -9.87 24.44
N VAL B 3 16.23 -10.43 23.24
CA VAL B 3 16.09 -11.87 23.06
C VAL B 3 17.20 -12.34 22.12
N GLU B 4 17.38 -13.66 22.01
CA GLU B 4 18.36 -14.21 21.06
C GLU B 4 18.00 -13.77 19.64
N PRO B 5 19.02 -13.64 18.78
CA PRO B 5 18.74 -13.39 17.36
C PRO B 5 17.79 -14.43 16.82
N PHE B 6 16.90 -13.98 15.93
CA PHE B 6 15.96 -14.89 15.29
C PHE B 6 16.64 -16.08 14.62
N ARG B 7 16.07 -17.27 14.87
CA ARG B 7 16.41 -18.48 14.11
C ARG B 7 15.11 -19.18 13.75
N ASN B 8 15.11 -19.89 12.62
CA ASN B 8 13.92 -20.66 12.23
C ASN B 8 13.74 -21.88 13.11
N GLU B 9 12.48 -22.17 13.45
CA GLU B 9 12.12 -23.37 14.20
C GLU B 9 12.47 -24.59 13.35
N PRO B 10 13.27 -25.52 13.88
CA PRO B 10 13.60 -26.68 13.05
C PRO B 10 12.35 -27.48 12.69
N ILE B 11 12.32 -27.99 11.47
CA ILE B 11 11.24 -28.83 10.97
C ILE B 11 11.57 -30.28 11.36
N GLU B 12 10.66 -30.91 12.11
CA GLU B 12 10.87 -32.28 12.55
C GLU B 12 10.82 -33.24 11.36
N THR B 13 11.81 -34.13 11.27
CA THR B 13 11.87 -35.13 10.20
C THR B 13 11.42 -36.53 10.67
N PHE B 14 11.28 -36.71 11.98
CA PHE B 14 10.79 -37.96 12.59
C PHE B 14 11.72 -39.15 12.31
N GLN B 15 13.02 -38.88 12.28
CA GLN B 15 14.02 -39.92 12.03
C GLN B 15 14.41 -40.66 13.32
N THR B 16 14.06 -40.08 14.47
CA THR B 16 14.32 -40.72 15.76
C THR B 16 13.07 -41.44 16.28
N GLU B 17 13.30 -42.48 17.08
CA GLU B 17 12.22 -43.19 17.74
C GLU B 17 11.42 -42.28 18.66
N GLU B 18 12.10 -41.37 19.36
CA GLU B 18 11.39 -40.46 20.27
C GLU B 18 10.41 -39.56 19.51
N ALA B 19 10.83 -39.05 18.36
CA ALA B 19 9.94 -38.19 17.58
C ALA B 19 8.72 -38.96 17.05
N ARG B 20 8.94 -40.20 16.60
CA ARG B 20 7.84 -41.03 16.11
C ARG B 20 6.88 -41.39 17.24
N ARG B 21 7.43 -41.74 18.40
CA ARG B 21 6.62 -42.02 19.59
C ARG B 21 5.77 -40.80 19.95
N ALA B 22 6.39 -39.62 19.98
CA ALA B 22 5.70 -38.37 20.33
C ALA B 22 4.57 -38.06 19.35
N MET B 23 4.81 -38.31 18.06
CA MET B 23 3.78 -38.11 17.04
C MET B 23 2.60 -39.08 17.24
N ARG B 24 2.89 -40.36 17.42
CA ARG B 24 1.82 -41.33 17.66
C ARG B 24 0.95 -40.94 18.86
N GLU B 25 1.61 -40.48 19.92
CA GLU B 25 0.92 -40.05 21.14
C GLU B 25 0.01 -38.85 20.85
N ALA B 26 0.53 -37.89 20.09
CA ALA B 26 -0.23 -36.71 19.68
C ALA B 26 -1.44 -37.08 18.81
N LEU B 27 -1.23 -37.97 17.84
CA LEU B 27 -2.32 -38.45 16.97
C LEU B 27 -3.41 -39.10 17.80
N ARG B 28 -3.01 -39.89 18.80
CA ARG B 28 -3.99 -40.53 19.66
C ARG B 28 -4.78 -39.52 20.48
N ARG B 29 -4.10 -38.58 21.10
CA ARG B 29 -4.78 -37.53 21.89
C ARG B 29 -5.76 -36.74 21.01
N VAL B 30 -5.33 -36.40 19.80
CA VAL B 30 -6.17 -35.61 18.90
C VAL B 30 -7.42 -36.37 18.47
N ARG B 31 -7.28 -37.64 18.09
CA ARG B 31 -8.43 -38.42 17.64
C ARG B 31 -9.40 -38.73 18.79
N GLU B 32 -8.86 -38.87 20.00
CA GLU B 32 -9.70 -39.06 21.20
C GLU B 32 -10.59 -37.84 21.43
N GLU B 33 -10.17 -36.69 20.90
CA GLU B 33 -10.89 -35.43 21.05
C GLU B 33 -11.71 -35.05 19.81
N PHE B 34 -11.88 -35.98 18.86
CA PHE B 34 -12.71 -35.72 17.65
C PHE B 34 -14.13 -35.23 17.97
N GLY B 35 -14.64 -35.60 19.14
CA GLY B 35 -16.00 -35.17 19.52
C GLY B 35 -16.14 -33.70 19.92
N ARG B 36 -15.02 -33.00 20.04
CA ARG B 36 -15.05 -31.65 20.63
C ARG B 36 -15.76 -30.60 19.80
N HIS B 37 -16.41 -29.68 20.50
CA HIS B 37 -17.02 -28.49 19.91
C HIS B 37 -16.27 -27.25 20.38
N TYR B 38 -15.92 -26.38 19.45
CA TYR B 38 -15.16 -25.17 19.75
C TYR B 38 -16.00 -23.95 19.42
N PRO B 39 -16.31 -23.12 20.44
CA PRO B 39 -17.08 -21.91 20.18
C PRO B 39 -16.29 -20.84 19.40
N LEU B 40 -16.96 -19.74 19.09
CA LEU B 40 -16.29 -18.51 18.65
C LEU B 40 -15.47 -17.96 19.81
N TYR B 41 -14.57 -17.03 19.52
CA TYR B 41 -13.84 -16.34 20.58
C TYR B 41 -13.97 -14.87 20.31
N ILE B 42 -14.70 -14.18 21.19
CA ILE B 42 -15.01 -12.77 21.05
C ILE B 42 -14.84 -12.04 22.38
N GLY B 43 -14.06 -10.96 22.35
CA GLY B 43 -13.89 -10.14 23.54
C GLY B 43 -13.39 -10.94 24.73
N GLY B 44 -12.42 -11.81 24.49
CA GLY B 44 -11.74 -12.54 25.57
C GLY B 44 -12.49 -13.74 26.12
N GLU B 45 -13.58 -14.13 25.48
CA GLU B 45 -14.35 -15.29 25.94
C GLU B 45 -14.84 -16.16 24.79
N TRP B 46 -15.00 -17.44 25.10
CA TRP B 46 -15.58 -18.39 24.14
C TRP B 46 -17.09 -18.20 24.16
N VAL B 47 -17.66 -17.99 22.98
CA VAL B 47 -19.07 -17.65 22.82
C VAL B 47 -19.64 -18.61 21.79
N ASP B 48 -20.67 -19.36 22.18
CA ASP B 48 -21.25 -20.38 21.30
C ASP B 48 -22.41 -19.80 20.48
N THR B 49 -22.84 -20.55 19.47
CA THR B 49 -23.97 -20.17 18.63
C THR B 49 -24.87 -21.37 18.44
N LYS B 50 -26.09 -21.10 17.96
CA LYS B 50 -27.06 -22.14 17.64
C LYS B 50 -26.56 -23.03 16.49
N GLU B 51 -26.18 -22.41 15.37
CA GLU B 51 -25.72 -23.15 14.20
C GLU B 51 -24.26 -23.54 14.37
N ARG B 52 -23.78 -24.47 13.55
CA ARG B 52 -22.42 -24.98 13.71
C ARG B 52 -21.76 -25.27 12.38
N MET B 53 -20.43 -25.36 12.41
CA MET B 53 -19.63 -25.79 11.28
C MET B 53 -19.09 -27.17 11.60
N VAL B 54 -19.09 -28.07 10.62
CA VAL B 54 -18.56 -29.42 10.80
C VAL B 54 -17.26 -29.59 10.02
N SER B 55 -16.26 -30.21 10.65
CA SER B 55 -14.98 -30.46 9.99
C SER B 55 -14.75 -31.96 9.85
N LEU B 56 -14.41 -32.38 8.64
CA LEU B 56 -14.25 -33.79 8.29
C LEU B 56 -12.79 -34.16 8.07
N ASN B 57 -12.51 -35.45 8.27
CA ASN B 57 -11.18 -36.00 8.00
C ASN B 57 -11.12 -36.34 6.53
N PRO B 58 -10.30 -35.61 5.73
CA PRO B 58 -10.29 -35.87 4.28
C PRO B 58 -9.76 -37.25 3.90
N SER B 59 -9.10 -37.92 4.84
CA SER B 59 -8.61 -39.28 4.63
C SER B 59 -9.69 -40.31 4.91
N ALA B 60 -10.76 -39.87 5.57
CA ALA B 60 -11.92 -40.72 5.93
C ALA B 60 -13.10 -39.78 6.22
N PRO B 61 -13.69 -39.20 5.17
CA PRO B 61 -14.66 -38.11 5.35
C PRO B 61 -15.96 -38.44 6.09
N SER B 62 -16.23 -39.72 6.33
CA SER B 62 -17.33 -40.08 7.25
C SER B 62 -16.96 -39.86 8.72
N GLU B 63 -15.68 -39.53 8.97
CA GLU B 63 -15.19 -39.27 10.32
C GLU B 63 -15.10 -37.77 10.60
N VAL B 64 -15.87 -37.31 11.58
CA VAL B 64 -15.89 -35.91 12.01
C VAL B 64 -14.71 -35.64 12.94
N VAL B 65 -13.89 -34.64 12.61
CA VAL B 65 -12.73 -34.29 13.45
C VAL B 65 -13.06 -33.25 14.52
N GLY B 66 -14.19 -32.57 14.36
CA GLY B 66 -14.66 -31.61 15.35
C GLY B 66 -15.74 -30.73 14.77
N THR B 67 -16.38 -29.93 15.62
CA THR B 67 -17.35 -28.93 15.18
C THR B 67 -17.01 -27.59 15.83
N THR B 68 -17.43 -26.51 15.18
CA THR B 68 -17.27 -25.18 15.78
C THR B 68 -18.57 -24.42 15.72
N ALA B 69 -18.63 -23.33 16.46
CA ALA B 69 -19.72 -22.37 16.31
C ALA B 69 -19.67 -21.75 14.91
N LYS B 70 -20.71 -21.02 14.54
CA LYS B 70 -20.81 -20.44 13.20
C LYS B 70 -21.22 -18.98 13.29
N ALA B 71 -20.30 -18.11 12.90
CA ALA B 71 -20.49 -16.66 12.99
C ALA B 71 -21.34 -16.15 11.84
N GLY B 72 -22.37 -15.38 12.19
CA GLY B 72 -23.15 -14.63 11.20
C GLY B 72 -23.00 -13.14 11.47
N LYS B 73 -23.91 -12.34 10.92
CA LYS B 73 -23.80 -10.88 11.03
C LYS B 73 -23.79 -10.36 12.47
N ALA B 74 -24.62 -10.93 13.33
CA ALA B 74 -24.69 -10.46 14.72
C ALA B 74 -23.36 -10.69 15.42
N GLU B 75 -22.74 -11.83 15.14
CA GLU B 75 -21.46 -12.18 15.75
C GLU B 75 -20.33 -11.32 15.19
N ALA B 76 -20.38 -11.05 13.89
CA ALA B 76 -19.46 -10.09 13.27
C ALA B 76 -19.55 -8.70 13.91
N GLU B 77 -20.78 -8.22 14.15
CA GLU B 77 -20.98 -6.96 14.88
C GLU B 77 -20.42 -6.98 16.31
N ALA B 78 -20.66 -8.08 17.03
CA ALA B 78 -20.13 -8.23 18.38
C ALA B 78 -18.60 -8.19 18.36
N ALA B 79 -18.00 -8.88 17.38
CA ALA B 79 -16.54 -8.90 17.24
C ALA B 79 -15.98 -7.52 16.88
N LEU B 80 -16.69 -6.80 16.01
CA LEU B 80 -16.29 -5.42 15.67
C LEU B 80 -16.29 -4.48 16.86
N GLU B 81 -17.35 -4.55 17.67
CA GLU B 81 -17.42 -3.72 18.86
C GLU B 81 -16.27 -4.06 19.80
N ALA B 82 -16.01 -5.36 19.99
CA ALA B 82 -14.93 -5.82 20.87
C ALA B 82 -13.57 -5.36 20.36
N ALA B 83 -13.36 -5.46 19.04
CA ALA B 83 -12.06 -5.15 18.45
C ALA B 83 -11.76 -3.64 18.48
N TRP B 84 -12.78 -2.83 18.22
CA TRP B 84 -12.60 -1.38 18.29
C TRP B 84 -12.43 -0.90 19.73
N LYS B 85 -13.18 -1.50 20.65
CA LYS B 85 -13.02 -1.14 22.05
C LYS B 85 -11.60 -1.47 22.53
N ALA B 86 -11.11 -2.67 22.18
CA ALA B 86 -9.75 -3.08 22.55
C ALA B 86 -8.70 -2.21 21.90
N PHE B 87 -8.95 -1.79 20.66
CA PHE B 87 -7.94 -1.01 19.92
C PHE B 87 -7.57 0.26 20.68
N LYS B 88 -8.57 0.89 21.30
CA LYS B 88 -8.37 2.15 22.03
C LYS B 88 -7.23 2.09 23.03
N THR B 89 -7.06 0.95 23.69
CA THR B 89 -6.01 0.80 24.70
C THR B 89 -4.82 -0.04 24.22
N TRP B 90 -5.09 -1.04 23.38
CA TRP B 90 -4.03 -1.92 22.85
C TRP B 90 -3.03 -1.12 22.03
N LYS B 91 -3.51 -0.11 21.30
CA LYS B 91 -2.64 0.76 20.52
C LYS B 91 -1.61 1.48 21.40
N ASP B 92 -1.93 1.65 22.68
CA ASP B 92 -1.09 2.44 23.58
C ASP B 92 -0.11 1.60 24.40
N TRP B 93 -0.23 0.29 24.30
CA TRP B 93 0.78 -0.56 24.95
C TRP B 93 2.16 -0.21 24.40
N PRO B 94 3.19 -0.19 25.26
CA PRO B 94 4.54 -0.09 24.74
C PRO B 94 4.80 -1.23 23.77
N GLN B 95 5.57 -0.98 22.71
CA GLN B 95 5.86 -2.06 21.77
C GLN B 95 6.50 -3.25 22.47
N GLU B 96 7.36 -2.98 23.46
CA GLU B 96 8.06 -4.06 24.14
C GLU B 96 7.06 -5.01 24.81
N ASP B 97 5.97 -4.44 25.34
CA ASP B 97 4.93 -5.24 26.03
C ASP B 97 4.16 -6.10 24.99
N ARG B 98 3.80 -5.51 23.86
CA ARG B 98 3.12 -6.28 22.79
C ARG B 98 4.03 -7.39 22.25
N SER B 99 5.29 -7.07 22.00
CA SER B 99 6.25 -8.06 21.51
C SER B 99 6.44 -9.22 22.50
N ARG B 100 6.49 -8.91 23.80
CA ARG B 100 6.57 -9.97 24.81
C ARG B 100 5.34 -10.88 24.76
N LEU B 101 4.17 -10.30 24.49
CA LEU B 101 2.96 -11.11 24.40
C LEU B 101 3.07 -12.11 23.25
N LEU B 102 3.54 -11.65 22.09
CA LEU B 102 3.81 -12.56 20.97
C LEU B 102 4.79 -13.65 21.37
N LEU B 103 5.90 -13.25 22.00
CA LEU B 103 6.90 -14.25 22.39
C LEU B 103 6.32 -15.34 23.31
N LYS B 104 5.43 -14.94 24.21
CA LYS B 104 4.72 -15.89 25.06
C LYS B 104 3.87 -16.84 24.21
N ALA B 105 3.10 -16.28 23.29
CA ALA B 105 2.29 -17.10 22.39
C ALA B 105 3.17 -18.10 21.60
N ALA B 106 4.34 -17.66 21.13
CA ALA B 106 5.25 -18.58 20.43
C ALA B 106 5.71 -19.72 21.33
N ALA B 107 6.02 -19.41 22.59
CA ALA B 107 6.49 -20.43 23.53
C ALA B 107 5.40 -21.46 23.80
N LEU B 108 4.17 -20.99 23.93
CA LEU B 108 3.02 -21.87 24.12
C LEU B 108 2.77 -22.72 22.88
N MET B 109 2.89 -22.13 21.70
CA MET B 109 2.70 -22.89 20.47
C MET B 109 3.76 -23.98 20.33
N ARG B 110 5.02 -23.65 20.65
CA ARG B 110 6.12 -24.58 20.54
C ARG B 110 5.89 -25.78 21.48
N ARG B 111 5.33 -25.52 22.66
CA ARG B 111 5.04 -26.60 23.61
C ARG B 111 3.91 -27.51 23.14
N ARG B 112 3.11 -27.03 22.19
CA ARG B 112 1.97 -27.78 21.66
C ARG B 112 2.16 -28.22 20.21
N LYS B 113 3.41 -28.23 19.73
CA LYS B 113 3.62 -28.45 18.31
C LYS B 113 3.13 -29.82 17.82
N ARG B 114 3.36 -30.90 18.58
CA ARG B 114 2.94 -32.23 18.10
C ARG B 114 1.41 -32.30 18.00
N GLU B 115 0.71 -31.73 18.99
CA GLU B 115 -0.76 -31.67 18.98
C GLU B 115 -1.29 -30.91 17.75
N LEU B 116 -0.68 -29.76 17.45
CA LEU B 116 -1.09 -29.00 16.27
C LEU B 116 -0.77 -29.73 14.97
N GLU B 117 0.39 -30.37 14.88
CA GLU B 117 0.74 -31.15 13.70
C GLU B 117 -0.28 -32.27 13.48
N ALA B 118 -0.59 -33.02 14.55
CA ALA B 118 -1.53 -34.14 14.47
C ALA B 118 -2.91 -33.65 14.03
N THR B 119 -3.27 -32.45 14.48
CA THR B 119 -4.53 -31.84 14.09
C THR B 119 -4.52 -31.51 12.59
N LEU B 120 -3.39 -30.99 12.10
CA LEU B 120 -3.24 -30.79 10.65
C LEU B 120 -3.35 -32.10 9.87
N VAL B 121 -2.72 -33.16 10.37
CA VAL B 121 -2.76 -34.46 9.71
C VAL B 121 -4.21 -34.91 9.51
N TYR B 122 -4.98 -34.89 10.60
CA TYR B 122 -6.37 -35.35 10.55
C TYR B 122 -7.34 -34.39 9.89
N GLU B 123 -7.17 -33.08 10.07
CA GLU B 123 -8.15 -32.11 9.55
C GLU B 123 -7.96 -31.73 8.10
N VAL B 124 -6.71 -31.60 7.66
CA VAL B 124 -6.44 -31.19 6.27
C VAL B 124 -5.54 -32.15 5.47
N GLY B 125 -5.24 -33.31 6.06
CA GLY B 125 -4.59 -34.36 5.30
C GLY B 125 -3.15 -34.08 4.93
N LYS B 126 -2.45 -33.36 5.81
CA LYS B 126 -0.99 -33.21 5.66
C LYS B 126 -0.29 -34.46 6.17
N ASN B 127 0.75 -34.90 5.46
CA ASN B 127 1.61 -35.93 6.04
C ASN B 127 2.45 -35.31 7.17
N TRP B 128 3.32 -36.10 7.80
CA TRP B 128 3.92 -35.67 9.06
C TRP B 128 4.85 -34.49 8.88
N VAL B 129 5.67 -34.53 7.84
CA VAL B 129 6.65 -33.46 7.63
C VAL B 129 5.97 -32.19 7.14
N GLU B 130 4.97 -32.33 6.26
CA GLU B 130 4.18 -31.14 5.84
C GLU B 130 3.52 -30.49 7.05
N ALA B 131 2.99 -31.29 7.97
CA ALA B 131 2.35 -30.76 9.18
C ALA B 131 3.39 -30.04 10.04
N SER B 132 4.55 -30.68 10.22
CA SER B 132 5.59 -30.05 11.04
C SER B 132 6.07 -28.73 10.44
N ALA B 133 6.24 -28.68 9.12
CA ALA B 133 6.68 -27.44 8.45
C ALA B 133 5.69 -26.30 8.68
N ASP B 134 4.40 -26.63 8.61
CA ASP B 134 3.32 -25.65 8.78
C ASP B 134 3.37 -25.06 10.20
N VAL B 135 3.38 -25.91 11.22
CA VAL B 135 3.47 -25.41 12.60
C VAL B 135 4.75 -24.61 12.89
N ALA B 136 5.87 -25.10 12.38
CA ALA B 136 7.16 -24.43 12.55
C ALA B 136 7.13 -23.03 11.93
N GLU B 137 6.48 -22.91 10.77
CA GLU B 137 6.35 -21.63 10.08
C GLU B 137 5.50 -20.64 10.89
N ALA B 138 4.43 -21.16 11.51
CA ALA B 138 3.60 -20.36 12.41
C ALA B 138 4.44 -19.79 13.55
N ILE B 139 5.21 -20.65 14.20
CA ILE B 139 6.10 -20.23 15.30
C ILE B 139 7.06 -19.17 14.78
N ASP B 140 7.62 -19.39 13.59
CA ASP B 140 8.53 -18.42 12.99
C ASP B 140 7.86 -17.07 12.79
N PHE B 141 6.63 -17.05 12.28
CA PHE B 141 5.96 -15.75 12.10
C PHE B 141 5.87 -15.01 13.42
N ILE B 142 5.52 -15.72 14.48
CA ILE B 142 5.35 -15.04 15.77
C ILE B 142 6.71 -14.50 16.26
N GLU B 143 7.74 -15.33 16.20
CA GLU B 143 9.09 -14.95 16.66
C GLU B 143 9.64 -13.78 15.82
N TYR B 144 9.44 -13.85 14.51
CA TYR B 144 9.97 -12.85 13.59
C TYR B 144 9.25 -11.51 13.77
N TYR B 145 7.91 -11.54 13.73
CA TYR B 145 7.16 -10.29 13.87
C TYR B 145 7.30 -9.62 15.25
N ALA B 146 7.44 -10.43 16.30
CA ALA B 146 7.73 -9.88 17.64
C ALA B 146 8.98 -8.98 17.61
N ARG B 147 10.03 -9.47 16.94
CA ARG B 147 11.29 -8.74 16.84
C ARG B 147 11.21 -7.59 15.83
N ALA B 148 10.59 -7.87 14.67
CA ALA B 148 10.50 -6.85 13.63
C ALA B 148 9.70 -5.62 14.11
N ALA B 149 8.68 -5.85 14.93
CA ALA B 149 7.83 -4.75 15.40
C ALA B 149 8.64 -3.72 16.18
N LEU B 150 9.71 -4.16 16.87
CA LEU B 150 10.52 -3.22 17.64
C LEU B 150 11.26 -2.24 16.73
N ARG B 151 11.46 -2.62 15.46
CA ARG B 151 12.11 -1.73 14.50
C ARG B 151 11.27 -0.50 14.14
N TYR B 152 9.97 -0.54 14.49
CA TYR B 152 9.04 0.55 14.17
C TYR B 152 8.68 1.40 15.39
N ARG B 153 9.33 1.15 16.53
CA ARG B 153 8.88 1.73 17.80
C ARG B 153 9.13 3.25 17.90
N TYR B 154 8.29 3.91 18.69
CA TYR B 154 8.29 5.37 18.86
C TYR B 154 9.67 5.95 19.24
N PRO B 155 10.10 7.03 18.55
CA PRO B 155 9.64 7.54 17.25
C PRO B 155 10.62 7.08 16.16
N ALA B 156 10.16 6.25 15.23
CA ALA B 156 11.09 5.49 14.38
C ALA B 156 11.58 6.19 13.10
N VAL B 157 10.94 7.30 12.75
CA VAL B 157 11.16 7.87 11.39
C VAL B 157 12.34 8.83 11.34
N GLU B 158 13.18 8.63 10.33
CA GLU B 158 14.35 9.49 10.10
C GLU B 158 13.94 10.75 9.36
N VAL B 159 14.02 11.89 10.04
CA VAL B 159 13.64 13.18 9.45
C VAL B 159 14.77 14.20 9.48
N VAL B 160 14.66 15.22 8.65
CA VAL B 160 15.64 16.30 8.58
C VAL B 160 15.31 17.36 9.64
N PRO B 161 16.30 17.73 10.46
CA PRO B 161 15.99 18.74 11.48
C PRO B 161 15.76 20.16 10.91
N TYR B 162 15.12 21.00 11.72
CA TYR B 162 14.86 22.39 11.35
C TYR B 162 15.17 23.27 12.57
N PRO B 163 15.81 24.45 12.35
CA PRO B 163 16.15 25.32 13.48
C PRO B 163 14.94 25.73 14.33
N GLY B 164 15.13 25.68 15.65
CA GLY B 164 14.15 26.19 16.62
C GLY B 164 12.92 25.31 16.79
N GLU B 165 12.98 24.08 16.26
CA GLU B 165 11.83 23.15 16.31
C GLU B 165 12.28 21.74 16.66
N ASP B 166 11.38 21.01 17.32
CA ASP B 166 11.43 19.55 17.31
C ASP B 166 10.52 19.03 16.22
N ASN B 167 11.04 18.12 15.40
CA ASN B 167 10.21 17.46 14.40
C ASN B 167 10.24 15.99 14.63
N GLU B 168 9.07 15.41 14.88
CA GLU B 168 9.03 14.03 15.32
C GLU B 168 8.00 13.26 14.55
N SER B 169 8.46 12.27 13.78
CA SER B 169 7.56 11.43 12.99
C SER B 169 7.57 10.00 13.54
N PHE B 170 6.41 9.38 13.59
CA PHE B 170 6.27 8.09 14.24
C PHE B 170 5.10 7.33 13.68
N TYR B 171 5.13 6.01 13.86
CA TYR B 171 4.08 5.15 13.33
C TYR B 171 3.01 4.87 14.37
N VAL B 172 1.78 4.71 13.88
CA VAL B 172 0.66 4.30 14.71
C VAL B 172 -0.12 3.21 13.97
N PRO B 173 -0.72 2.28 14.72
CA PRO B 173 -1.53 1.25 14.07
C PRO B 173 -2.82 1.83 13.49
N LEU B 174 -3.44 1.09 12.57
CA LEU B 174 -4.62 1.53 11.83
C LEU B 174 -5.94 1.40 12.57
N GLY B 175 -6.17 0.26 13.23
CA GLY B 175 -7.45 0.05 13.91
C GLY B 175 -7.80 -1.42 13.93
N ALA B 176 -9.08 -1.72 13.79
CA ALA B 176 -9.57 -3.12 13.73
C ALA B 176 -9.73 -3.54 12.29
N GLY B 177 -9.20 -4.71 11.96
CA GLY B 177 -9.31 -5.23 10.62
C GLY B 177 -9.75 -6.69 10.62
N VAL B 178 -9.95 -7.21 9.42
CA VAL B 178 -10.36 -8.61 9.26
C VAL B 178 -9.25 -9.41 8.56
N VAL B 179 -9.02 -10.61 9.07
CA VAL B 179 -8.08 -11.58 8.50
C VAL B 179 -8.92 -12.73 7.96
N ILE B 180 -8.74 -13.02 6.68
CA ILE B 180 -9.50 -14.07 6.01
C ILE B 180 -8.49 -15.06 5.43
N ALA B 181 -8.50 -16.28 5.93
CA ALA B 181 -7.38 -17.22 5.78
C ALA B 181 -7.74 -18.49 4.98
N PRO B 182 -6.74 -19.12 4.35
CA PRO B 182 -6.96 -20.33 3.55
C PRO B 182 -6.84 -21.63 4.38
N TRP B 183 -7.28 -22.74 3.79
CA TRP B 183 -7.23 -24.03 4.48
C TRP B 183 -5.90 -24.76 4.31
N ASN B 184 -5.07 -24.30 3.37
CA ASN B 184 -3.88 -25.08 3.02
C ASN B 184 -2.68 -24.90 3.95
N PHE B 185 -2.56 -23.72 4.55
CA PHE B 185 -1.62 -23.53 5.66
C PHE B 185 -2.37 -22.91 6.83
N PRO B 186 -3.26 -23.69 7.48
CA PRO B 186 -4.21 -23.11 8.42
C PRO B 186 -3.69 -22.91 9.84
N VAL B 187 -2.41 -23.25 10.07
CA VAL B 187 -1.73 -22.78 11.27
C VAL B 187 -0.79 -21.64 10.87
N ALA B 188 0.12 -21.90 9.92
CA ALA B 188 1.13 -20.90 9.52
C ALA B 188 0.55 -19.55 9.04
N ILE B 189 -0.27 -19.59 7.99
CA ILE B 189 -0.74 -18.34 7.36
C ILE B 189 -1.79 -17.67 8.25
N PHE B 190 -2.65 -18.48 8.87
CA PHE B 190 -3.66 -17.99 9.81
C PHE B 190 -2.96 -17.20 10.91
N THR B 191 -1.92 -17.81 11.49
CA THR B 191 -1.17 -17.17 12.57
C THR B 191 -0.45 -15.90 12.11
N GLY B 192 0.30 -16.01 11.00
CA GLY B 192 1.09 -14.86 10.50
C GLY B 192 0.22 -13.66 10.21
N MET B 193 -0.91 -13.88 9.54
CA MET B 193 -1.78 -12.77 9.12
C MET B 193 -2.44 -12.07 10.32
N ILE B 194 -2.61 -12.81 11.43
CA ILE B 194 -3.15 -12.25 12.65
C ILE B 194 -2.08 -11.52 13.44
N VAL B 195 -0.97 -12.19 13.72
CA VAL B 195 -0.02 -11.66 14.71
C VAL B 195 0.81 -10.50 14.18
N GLY B 196 0.99 -10.41 12.86
CA GLY B 196 1.70 -9.25 12.26
C GLY B 196 1.00 -7.91 12.58
N PRO B 197 -0.25 -7.76 12.11
CA PRO B 197 -1.01 -6.55 12.45
C PRO B 197 -1.15 -6.33 13.95
N VAL B 198 -1.43 -7.39 14.71
CA VAL B 198 -1.62 -7.27 16.16
C VAL B 198 -0.35 -6.78 16.90
N ALA B 199 0.81 -7.25 16.43
CA ALA B 199 2.09 -6.90 17.06
C ALA B 199 2.31 -5.41 17.18
N VAL B 200 1.92 -4.68 16.14
CA VAL B 200 2.18 -3.24 16.08
C VAL B 200 0.99 -2.41 16.57
N GLY B 201 -0.02 -3.07 17.12
CA GLY B 201 -1.12 -2.38 17.80
C GLY B 201 -2.48 -2.37 17.15
N ASN B 202 -2.63 -3.09 16.04
CA ASN B 202 -3.96 -3.32 15.48
C ASN B 202 -4.72 -4.38 16.28
N THR B 203 -6.02 -4.47 16.03
CA THR B 203 -6.81 -5.57 16.55
C THR B 203 -7.42 -6.32 15.35
N VAL B 204 -7.76 -7.58 15.55
CA VAL B 204 -8.10 -8.47 14.45
C VAL B 204 -9.32 -9.33 14.70
N ILE B 205 -10.15 -9.45 13.66
CA ILE B 205 -11.23 -10.42 13.58
C ILE B 205 -10.77 -11.45 12.56
N ALA B 206 -10.54 -12.68 13.00
CA ALA B 206 -9.97 -13.72 12.15
C ALA B 206 -11.05 -14.72 11.70
N LYS B 207 -11.10 -14.94 10.39
CA LYS B 207 -12.09 -15.81 9.75
C LYS B 207 -11.33 -16.99 9.14
N PRO B 208 -11.25 -18.14 9.84
CA PRO B 208 -10.53 -19.29 9.27
C PRO B 208 -11.32 -19.90 8.11
N ALA B 209 -10.61 -20.59 7.21
CA ALA B 209 -11.25 -21.38 6.17
C ALA B 209 -12.17 -22.45 6.76
N GLU B 210 -13.30 -22.65 6.10
CA GLU B 210 -14.27 -23.66 6.52
C GLU B 210 -13.67 -25.04 6.76
N ASP B 211 -12.72 -25.43 5.89
CA ASP B 211 -12.08 -26.76 5.97
C ASP B 211 -11.06 -26.92 7.11
N ALA B 212 -10.78 -25.83 7.83
CA ALA B 212 -9.72 -25.81 8.85
C ALA B 212 -10.10 -25.06 10.12
N VAL B 213 -11.39 -25.14 10.46
CA VAL B 213 -11.92 -24.44 11.62
C VAL B 213 -11.42 -24.99 12.96
N VAL B 214 -11.19 -26.31 13.05
CA VAL B 214 -10.75 -26.90 14.32
C VAL B 214 -9.34 -26.44 14.69
N VAL B 215 -8.42 -26.57 13.74
CA VAL B 215 -7.04 -26.18 14.03
C VAL B 215 -6.95 -24.66 14.30
N GLY B 216 -7.79 -23.89 13.62
CA GLY B 216 -7.88 -22.44 13.88
C GLY B 216 -8.30 -22.19 15.33
N ALA B 217 -9.25 -22.98 15.81
CA ALA B 217 -9.69 -22.87 17.21
C ALA B 217 -8.56 -23.18 18.18
N LYS B 218 -7.78 -24.22 17.88
CA LYS B 218 -6.63 -24.56 18.73
C LYS B 218 -5.61 -23.44 18.78
N VAL B 219 -5.40 -22.74 17.65
CA VAL B 219 -4.53 -21.56 17.67
C VAL B 219 -5.09 -20.51 18.64
N PHE B 220 -6.41 -20.31 18.61
CA PHE B 220 -7.04 -19.39 19.57
C PHE B 220 -6.94 -19.80 21.03
N GLU B 221 -6.92 -21.11 21.30
CA GLU B 221 -6.63 -21.58 22.66
C GLU B 221 -5.28 -21.06 23.13
N ILE B 222 -4.31 -21.08 22.22
CA ILE B 222 -2.98 -20.55 22.52
C ILE B 222 -3.02 -19.03 22.77
N PHE B 223 -3.71 -18.29 21.90
CA PHE B 223 -3.85 -16.83 22.10
C PHE B 223 -4.49 -16.52 23.46
N HIS B 224 -5.52 -17.28 23.80
CA HIS B 224 -6.23 -17.06 25.05
C HIS B 224 -5.32 -17.32 26.24
N GLU B 225 -4.59 -18.45 26.22
CA GLU B 225 -3.67 -18.74 27.31
C GLU B 225 -2.56 -17.71 27.43
N ALA B 226 -2.14 -17.17 26.30
CA ALA B 226 -1.07 -16.15 26.29
C ALA B 226 -1.52 -14.86 26.97
N GLY B 227 -2.82 -14.59 26.90
CA GLY B 227 -3.42 -13.47 27.61
C GLY B 227 -3.54 -12.20 26.81
N PHE B 228 -3.74 -12.30 25.50
CA PHE B 228 -4.10 -11.12 24.72
C PHE B 228 -5.32 -10.48 25.37
N PRO B 229 -5.30 -9.15 25.58
CA PRO B 229 -6.48 -8.49 26.17
C PRO B 229 -7.76 -8.74 25.40
N PRO B 230 -8.90 -8.70 26.10
CA PRO B 230 -10.18 -8.96 25.43
C PRO B 230 -10.39 -8.07 24.21
N GLY B 231 -10.78 -8.68 23.09
CA GLY B 231 -11.06 -7.93 21.86
C GLY B 231 -9.87 -7.78 20.92
N VAL B 232 -8.67 -8.06 21.41
CA VAL B 232 -7.49 -7.88 20.55
C VAL B 232 -7.44 -8.88 19.38
N VAL B 233 -7.75 -10.15 19.68
CA VAL B 233 -7.91 -11.16 18.63
C VAL B 233 -9.26 -11.85 18.81
N ASN B 234 -9.97 -12.04 17.71
CA ASN B 234 -11.30 -12.65 17.73
C ASN B 234 -11.40 -13.72 16.65
N PHE B 235 -12.08 -14.81 16.98
CA PHE B 235 -12.17 -16.02 16.16
C PHE B 235 -13.60 -16.19 15.67
N LEU B 236 -13.79 -16.09 14.36
CA LEU B 236 -15.12 -16.14 13.74
C LEU B 236 -15.19 -17.16 12.60
N PRO B 237 -15.15 -18.46 12.93
CA PRO B 237 -15.38 -19.46 11.89
C PRO B 237 -16.76 -19.24 11.31
N GLY B 238 -16.87 -19.44 10.00
CA GLY B 238 -18.11 -19.14 9.29
C GLY B 238 -17.90 -19.20 7.79
N VAL B 239 -18.96 -18.89 7.06
CA VAL B 239 -18.96 -19.04 5.61
C VAL B 239 -18.34 -17.79 4.96
N GLY B 240 -17.38 -18.01 4.07
CA GLY B 240 -16.63 -16.91 3.45
C GLY B 240 -17.52 -15.87 2.80
N GLU B 241 -18.41 -16.30 1.92
CA GLU B 241 -19.26 -15.38 1.16
C GLU B 241 -20.36 -14.77 2.02
N GLU B 242 -20.49 -15.22 3.26
CA GLU B 242 -21.45 -14.65 4.19
C GLU B 242 -20.76 -13.71 5.16
N VAL B 243 -20.22 -14.24 6.25
CA VAL B 243 -19.58 -13.39 7.28
C VAL B 243 -18.27 -12.75 6.77
N GLY B 244 -17.52 -13.46 5.94
CA GLY B 244 -16.29 -12.91 5.35
C GLY B 244 -16.60 -11.67 4.51
N ALA B 245 -17.52 -11.82 3.55
CA ALA B 245 -17.92 -10.70 2.68
C ALA B 245 -18.52 -9.54 3.50
N TYR B 246 -19.29 -9.88 4.53
CA TYR B 246 -19.92 -8.87 5.39
C TYR B 246 -18.88 -7.96 6.03
N LEU B 247 -17.82 -8.56 6.55
CA LEU B 247 -16.72 -7.79 7.15
C LEU B 247 -15.92 -7.00 6.10
N VAL B 248 -15.59 -7.65 4.98
CA VAL B 248 -14.89 -6.96 3.88
C VAL B 248 -15.61 -5.67 3.46
N GLU B 249 -16.94 -5.74 3.38
CA GLU B 249 -17.73 -4.62 2.87
C GLU B 249 -18.12 -3.61 3.94
N HIS B 250 -17.81 -3.92 5.20
CA HIS B 250 -18.29 -3.13 6.34
C HIS B 250 -17.62 -1.75 6.39
N PRO B 251 -18.40 -0.68 6.68
CA PRO B 251 -17.77 0.64 6.75
C PRO B 251 -16.79 0.81 7.91
N ARG B 252 -16.92 -0.03 8.95
CA ARG B 252 -16.06 0.10 10.13
C ARG B 252 -14.89 -0.90 10.14
N ILE B 253 -14.65 -1.60 9.04
CA ILE B 253 -13.44 -2.43 8.91
C ILE B 253 -12.32 -1.58 8.30
N ARG B 254 -11.19 -1.51 9.00
CA ARG B 254 -10.12 -0.57 8.62
C ARG B 254 -9.16 -1.14 7.56
N PHE B 255 -8.90 -2.44 7.65
CA PHE B 255 -8.05 -3.15 6.69
C PHE B 255 -8.50 -4.59 6.55
N ILE B 256 -8.11 -5.21 5.44
CA ILE B 256 -8.40 -6.60 5.15
C ILE B 256 -7.08 -7.26 4.84
N ASN B 257 -6.78 -8.36 5.53
CA ASN B 257 -5.60 -9.18 5.24
C ASN B 257 -6.10 -10.54 4.74
N PHE B 258 -5.95 -10.78 3.44
CA PHE B 258 -6.52 -11.96 2.79
C PHE B 258 -5.45 -12.80 2.11
N THR B 259 -5.56 -14.12 2.27
CA THR B 259 -4.79 -15.06 1.48
C THR B 259 -5.76 -16.14 1.01
N GLY B 260 -5.76 -16.39 -0.30
CA GLY B 260 -6.73 -17.33 -0.87
C GLY B 260 -6.72 -17.30 -2.37
N SER B 261 -7.82 -17.73 -2.98
CA SER B 261 -7.91 -17.80 -4.43
C SER B 261 -7.93 -16.43 -5.10
N LEU B 262 -7.50 -16.40 -6.35
CA LEU B 262 -7.61 -15.19 -7.16
C LEU B 262 -9.06 -14.73 -7.30
N GLU B 263 -9.96 -15.69 -7.57
CA GLU B 263 -11.38 -15.37 -7.72
C GLU B 263 -11.90 -14.55 -6.54
N VAL B 264 -11.61 -15.00 -5.33
CA VAL B 264 -12.08 -14.32 -4.13
C VAL B 264 -11.26 -13.01 -3.92
N GLY B 265 -9.95 -13.08 -4.14
CA GLY B 265 -9.09 -11.90 -3.99
C GLY B 265 -9.52 -10.72 -4.85
N LEU B 266 -9.96 -11.02 -6.07
CA LEU B 266 -10.44 -9.98 -6.97
C LEU B 266 -11.67 -9.27 -6.40
N LYS B 267 -12.61 -10.04 -5.84
CA LYS B 267 -13.82 -9.48 -5.24
C LYS B 267 -13.49 -8.63 -4.02
N ILE B 268 -12.57 -9.13 -3.21
CA ILE B 268 -12.17 -8.43 -2.01
C ILE B 268 -11.48 -7.09 -2.34
N TYR B 269 -10.55 -7.12 -3.30
CA TYR B 269 -9.85 -5.90 -3.66
C TYR B 269 -10.81 -4.86 -4.25
N GLU B 270 -11.77 -5.34 -5.05
CA GLU B 270 -12.74 -4.42 -5.64
C GLU B 270 -13.62 -3.80 -4.56
N ALA B 271 -14.13 -4.64 -3.65
CA ALA B 271 -14.98 -4.15 -2.55
C ALA B 271 -14.23 -3.17 -1.66
N ALA B 272 -12.94 -3.44 -1.41
CA ALA B 272 -12.14 -2.60 -0.54
C ALA B 272 -11.94 -1.20 -1.12
N GLY B 273 -12.03 -1.09 -2.45
CA GLY B 273 -11.89 0.21 -3.13
C GLY B 273 -13.09 1.14 -3.02
N ARG B 274 -14.21 0.58 -2.54
CA ARG B 274 -15.47 1.32 -2.41
C ARG B 274 -15.63 1.96 -1.05
N LEU B 275 -16.24 3.14 -1.01
CA LEU B 275 -16.58 3.79 0.23
C LEU B 275 -17.97 3.31 0.67
N ALA B 276 -18.01 2.39 1.64
CA ALA B 276 -19.30 1.95 2.19
C ALA B 276 -20.02 3.12 2.86
N PRO B 277 -21.36 3.09 2.91
CA PRO B 277 -22.08 4.19 3.54
C PRO B 277 -21.57 4.48 4.96
N GLY B 278 -21.12 5.72 5.17
CA GLY B 278 -20.65 6.17 6.48
C GLY B 278 -19.18 5.89 6.78
N GLN B 279 -18.51 5.21 5.85
CA GLN B 279 -17.08 4.91 6.00
C GLN B 279 -16.26 6.20 5.98
N THR B 280 -15.21 6.25 6.82
CA THR B 280 -14.43 7.49 6.98
C THR B 280 -12.93 7.30 6.73
N TRP B 281 -12.59 6.31 5.91
CA TRP B 281 -11.21 6.07 5.51
C TRP B 281 -11.14 5.36 4.17
N PHE B 282 -9.95 5.35 3.59
CA PHE B 282 -9.66 4.51 2.44
C PHE B 282 -9.15 3.17 2.99
N LYS B 283 -9.93 2.12 2.76
CA LYS B 283 -9.55 0.79 3.25
C LYS B 283 -8.26 0.31 2.62
N ARG B 284 -7.42 -0.34 3.41
CA ARG B 284 -6.28 -1.07 2.90
C ARG B 284 -6.65 -2.53 2.78
N ALA B 285 -6.36 -3.12 1.62
CA ALA B 285 -6.56 -4.55 1.42
C ALA B 285 -5.32 -5.19 0.88
N TYR B 286 -4.88 -6.25 1.56
CA TYR B 286 -3.77 -7.04 1.09
C TYR B 286 -4.33 -8.36 0.67
N VAL B 287 -4.10 -8.73 -0.59
CA VAL B 287 -4.65 -9.96 -1.15
C VAL B 287 -3.51 -10.75 -1.75
N GLU B 288 -3.26 -11.92 -1.18
CA GLU B 288 -2.17 -12.77 -1.63
C GLU B 288 -2.80 -14.03 -2.19
N THR B 289 -2.65 -14.20 -3.50
CA THR B 289 -3.53 -15.06 -4.28
C THR B 289 -2.71 -16.23 -4.87
N GLY B 290 -3.17 -16.85 -5.94
CA GLY B 290 -2.56 -18.11 -6.37
C GLY B 290 -1.33 -17.96 -7.24
N GLY B 291 -0.86 -19.07 -7.79
CA GLY B 291 0.19 -19.05 -8.78
C GLY B 291 0.00 -20.12 -9.81
N LYS B 292 0.75 -20.02 -10.91
CA LYS B 292 0.91 -21.12 -11.85
C LYS B 292 2.41 -21.25 -12.03
N ASP B 293 3.03 -21.87 -11.04
CA ASP B 293 4.49 -21.79 -10.87
C ASP B 293 5.24 -22.81 -11.71
N ALA B 294 6.31 -22.36 -12.35
CA ALA B 294 7.12 -23.24 -13.20
C ALA B 294 8.52 -23.47 -12.65
N ILE B 295 9.03 -24.67 -12.92
CA ILE B 295 10.46 -24.94 -12.84
C ILE B 295 10.98 -25.12 -14.26
N ILE B 296 12.02 -24.35 -14.60
CA ILE B 296 12.75 -24.50 -15.86
C ILE B 296 13.95 -25.40 -15.60
N VAL B 297 14.20 -26.36 -16.50
CA VAL B 297 15.44 -27.12 -16.44
C VAL B 297 16.10 -27.04 -17.80
N ASP B 298 17.39 -26.69 -17.84
CA ASP B 298 18.12 -26.66 -19.11
C ASP B 298 19.09 -27.84 -19.18
N GLU B 299 19.77 -27.98 -20.32
CA GLU B 299 20.58 -29.17 -20.56
C GLU B 299 21.89 -29.24 -19.78
N THR B 300 22.20 -28.17 -19.03
CA THR B 300 23.42 -28.12 -18.20
C THR B 300 23.17 -28.57 -16.77
N ALA B 301 21.90 -28.80 -16.42
CA ALA B 301 21.52 -29.12 -15.05
C ALA B 301 21.95 -30.49 -14.56
N ASP B 302 22.00 -30.65 -13.24
CA ASP B 302 22.09 -31.96 -12.64
C ASP B 302 20.67 -32.54 -12.71
N PHE B 303 20.45 -33.45 -13.66
CA PHE B 303 19.09 -33.93 -13.95
C PHE B 303 18.45 -34.70 -12.79
N ASP B 304 19.27 -35.45 -12.04
CA ASP B 304 18.79 -36.16 -10.86
C ASP B 304 18.35 -35.20 -9.77
N LEU B 305 19.17 -34.19 -9.51
CA LEU B 305 18.81 -33.14 -8.55
C LEU B 305 17.52 -32.44 -8.99
N ALA B 306 17.43 -32.12 -10.27
CA ALA B 306 16.25 -31.44 -10.83
C ALA B 306 15.01 -32.28 -10.62
N ALA B 307 15.11 -33.56 -10.96
CA ALA B 307 13.94 -34.43 -10.87
C ALA B 307 13.43 -34.55 -9.45
N GLU B 308 14.35 -34.65 -8.48
CA GLU B 308 13.96 -34.74 -7.07
C GLU B 308 13.26 -33.44 -6.64
N GLY B 309 13.85 -32.30 -7.00
CA GLY B 309 13.26 -31.00 -6.63
C GLY B 309 11.91 -30.76 -7.29
N VAL B 310 11.75 -31.23 -8.52
CA VAL B 310 10.47 -31.08 -9.23
C VAL B 310 9.38 -31.88 -8.56
N VAL B 311 9.68 -33.14 -8.22
CA VAL B 311 8.72 -34.02 -7.56
C VAL B 311 8.31 -33.49 -6.18
N VAL B 312 9.28 -33.03 -5.39
CA VAL B 312 8.98 -32.37 -4.11
C VAL B 312 8.06 -31.16 -4.33
N SER B 313 8.43 -30.30 -5.27
CA SER B 313 7.69 -29.06 -5.52
C SER B 313 6.28 -29.27 -6.08
N ALA B 314 6.12 -30.29 -6.93
CA ALA B 314 4.84 -30.54 -7.60
C ALA B 314 3.87 -31.28 -6.71
N TYR B 315 4.39 -32.22 -5.91
CA TYR B 315 3.51 -33.15 -5.20
C TYR B 315 3.48 -33.01 -3.68
N GLY B 316 4.33 -32.18 -3.11
CA GLY B 316 4.27 -31.90 -1.67
C GLY B 316 2.89 -31.38 -1.29
N PHE B 317 2.32 -31.91 -0.21
CA PHE B 317 0.93 -31.62 0.20
C PHE B 317 -0.03 -31.69 -1.00
N GLN B 318 0.18 -32.70 -1.83
CA GLN B 318 -0.73 -33.02 -2.93
C GLN B 318 -0.85 -31.87 -3.94
N GLY B 319 0.20 -31.04 -4.02
CA GLY B 319 0.18 -29.89 -4.92
C GLY B 319 -0.73 -28.75 -4.51
N GLN B 320 -1.24 -28.80 -3.27
CA GLN B 320 -2.18 -27.79 -2.77
C GLN B 320 -1.40 -26.64 -2.10
N LYS B 321 -0.51 -26.05 -2.88
CA LYS B 321 0.28 -24.92 -2.40
C LYS B 321 0.27 -23.85 -3.48
N CYS B 322 0.17 -22.60 -3.03
CA CYS B 322 0.31 -21.46 -3.94
C CYS B 322 1.68 -21.46 -4.63
N SER B 323 2.66 -22.12 -4.00
CA SER B 323 4.05 -22.19 -4.46
C SER B 323 4.37 -23.45 -5.29
N ALA B 324 3.40 -24.37 -5.39
CA ALA B 324 3.67 -25.67 -5.98
C ALA B 324 4.08 -25.59 -7.45
N ALA B 325 5.07 -26.39 -7.86
CA ALA B 325 5.44 -26.44 -9.29
C ALA B 325 4.31 -27.14 -10.03
N SER B 326 3.56 -26.39 -10.84
CA SER B 326 2.49 -26.98 -11.66
C SER B 326 2.87 -27.01 -13.14
N ARG B 327 4.00 -26.40 -13.48
CA ARG B 327 4.55 -26.41 -14.83
C ARG B 327 6.01 -26.83 -14.77
N LEU B 328 6.41 -27.71 -15.67
CA LEU B 328 7.81 -28.11 -15.82
C LEU B 328 8.22 -27.76 -17.24
N ILE B 329 9.11 -26.78 -17.37
CA ILE B 329 9.49 -26.24 -18.66
C ILE B 329 10.87 -26.78 -18.99
N LEU B 330 10.95 -27.61 -20.03
CA LEU B 330 12.20 -28.30 -20.35
C LEU B 330 12.74 -27.88 -21.70
N THR B 331 13.99 -27.42 -21.72
CA THR B 331 14.65 -27.14 -23.00
C THR B 331 14.84 -28.48 -23.73
N GLN B 332 15.08 -28.42 -25.04
CA GLN B 332 15.14 -29.66 -25.81
C GLN B 332 16.16 -30.70 -25.31
N GLY B 333 17.34 -30.23 -24.90
CA GLY B 333 18.40 -31.12 -24.41
C GLY B 333 18.09 -31.71 -23.05
N ALA B 334 17.24 -31.03 -22.29
CA ALA B 334 16.83 -31.52 -20.97
C ALA B 334 15.60 -32.40 -21.00
N TYR B 335 14.84 -32.35 -22.10
CA TYR B 335 13.50 -32.92 -22.10
C TYR B 335 13.42 -34.40 -21.73
N GLU B 336 14.03 -35.26 -22.53
CA GLU B 336 13.95 -36.69 -22.26
C GLU B 336 14.62 -37.11 -20.94
N PRO B 337 15.88 -36.66 -20.69
CA PRO B 337 16.54 -37.04 -19.44
C PRO B 337 15.75 -36.65 -18.18
N VAL B 338 15.20 -35.44 -18.16
CA VAL B 338 14.48 -34.97 -16.97
C VAL B 338 13.09 -35.62 -16.87
N LEU B 339 12.37 -35.69 -17.98
CA LEU B 339 11.05 -36.30 -17.94
C LEU B 339 11.12 -37.77 -17.48
N GLU B 340 12.10 -38.51 -18.00
CA GLU B 340 12.25 -39.92 -17.62
C GLU B 340 12.45 -40.05 -16.11
N ARG B 341 13.31 -39.19 -15.55
CA ARG B 341 13.62 -39.20 -14.11
C ARG B 341 12.45 -38.74 -13.25
N VAL B 342 11.74 -37.72 -13.70
CA VAL B 342 10.54 -37.25 -13.00
C VAL B 342 9.48 -38.35 -12.96
N LEU B 343 9.26 -39.02 -14.10
CA LEU B 343 8.27 -40.10 -14.13
C LEU B 343 8.65 -41.27 -13.22
N LYS B 344 9.92 -41.67 -13.25
CA LYS B 344 10.40 -42.76 -12.40
C LYS B 344 10.22 -42.46 -10.91
N ARG B 345 10.53 -41.22 -10.51
CA ARG B 345 10.34 -40.79 -9.12
C ARG B 345 8.87 -40.67 -8.76
N ALA B 346 8.07 -40.06 -9.64
CA ALA B 346 6.68 -39.79 -9.32
C ALA B 346 5.86 -41.09 -9.21
N GLU B 347 6.21 -42.09 -10.04
CA GLU B 347 5.47 -43.35 -10.04
C GLU B 347 5.68 -44.14 -8.75
N ARG B 348 6.75 -43.82 -8.02
CA ARG B 348 7.07 -44.48 -6.74
C ARG B 348 6.45 -43.80 -5.52
N LEU B 349 5.74 -42.70 -5.72
CA LEU B 349 5.13 -41.98 -4.60
C LEU B 349 3.92 -42.72 -4.05
N SER B 350 3.86 -42.83 -2.72
CA SER B 350 2.71 -43.46 -2.06
C SER B 350 1.59 -42.46 -1.82
N VAL B 351 0.36 -42.96 -1.88
CA VAL B 351 -0.81 -42.14 -1.62
C VAL B 351 -1.71 -42.89 -0.67
N GLY B 352 -2.10 -42.24 0.41
CA GLY B 352 -3.04 -42.86 1.34
C GLY B 352 -3.38 -41.99 2.53
N PRO B 353 -4.00 -42.59 3.56
CA PRO B 353 -4.39 -41.84 4.75
C PRO B 353 -3.20 -41.04 5.30
N ALA B 354 -3.41 -39.75 5.55
CA ALA B 354 -2.29 -38.87 5.92
C ALA B 354 -1.56 -39.30 7.18
N GLU B 355 -2.29 -39.90 8.13
CA GLU B 355 -1.67 -40.33 9.40
C GLU B 355 -0.59 -41.39 9.24
N GLU B 356 -0.60 -42.09 8.12
CA GLU B 356 0.43 -43.11 7.86
C GLU B 356 1.70 -42.53 7.25
N ASN B 357 1.75 -41.19 7.16
CA ASN B 357 2.87 -40.47 6.58
C ASN B 357 3.21 -40.95 5.15
N PRO B 358 2.20 -40.95 4.27
CA PRO B 358 2.46 -41.30 2.88
C PRO B 358 3.16 -40.12 2.22
N ASP B 359 3.66 -40.31 1.00
CA ASP B 359 4.17 -39.17 0.24
C ASP B 359 3.07 -38.15 -0.06
N LEU B 360 1.89 -38.66 -0.39
CA LEU B 360 0.69 -37.83 -0.57
C LEU B 360 -0.46 -38.33 0.27
N GLY B 361 -1.08 -37.41 1.00
CA GLY B 361 -2.40 -37.66 1.57
C GLY B 361 -3.50 -37.43 0.54
N PRO B 362 -4.74 -37.23 1.00
CA PRO B 362 -5.87 -36.93 0.11
C PRO B 362 -5.90 -35.44 -0.16
N VAL B 363 -6.61 -35.03 -1.20
CA VAL B 363 -6.96 -33.60 -1.32
C VAL B 363 -7.99 -33.27 -0.24
N VAL B 364 -8.25 -31.98 0.00
CA VAL B 364 -8.83 -31.58 1.26
C VAL B 364 -10.35 -31.83 1.41
N SER B 365 -11.05 -31.95 0.29
CA SER B 365 -12.52 -32.00 0.33
C SER B 365 -13.10 -32.59 -0.94
N ALA B 366 -14.38 -32.94 -0.87
CA ALA B 366 -15.10 -33.41 -2.04
C ALA B 366 -15.09 -32.35 -3.14
N GLU B 367 -15.24 -31.07 -2.75
CA GLU B 367 -15.20 -29.98 -3.72
C GLU B 367 -13.83 -29.90 -4.43
N GLN B 368 -12.75 -30.00 -3.66
CA GLN B 368 -11.42 -30.00 -4.25
C GLN B 368 -11.20 -31.21 -5.16
N GLU B 369 -11.66 -32.38 -4.71
CA GLU B 369 -11.58 -33.57 -5.53
C GLU B 369 -12.29 -33.36 -6.88
N ARG B 370 -13.49 -32.80 -6.82
CA ARG B 370 -14.26 -32.49 -8.02
C ARG B 370 -13.50 -31.54 -8.96
N LYS B 371 -12.90 -30.49 -8.39
CA LYS B 371 -12.16 -29.50 -9.18
C LYS B 371 -10.96 -30.16 -9.86
N VAL B 372 -10.19 -30.93 -9.10
CA VAL B 372 -8.98 -31.55 -9.63
C VAL B 372 -9.32 -32.58 -10.71
N LEU B 373 -10.32 -33.40 -10.46
CA LEU B 373 -10.74 -34.37 -11.46
C LEU B 373 -11.25 -33.70 -12.74
N SER B 374 -11.94 -32.58 -12.59
CA SER B 374 -12.42 -31.83 -13.76
C SER B 374 -11.27 -31.31 -14.60
N TYR B 375 -10.22 -30.80 -13.94
CA TYR B 375 -9.04 -30.34 -14.67
C TYR B 375 -8.29 -31.47 -15.35
N ILE B 376 -8.32 -32.65 -14.75
CA ILE B 376 -7.73 -33.83 -15.37
C ILE B 376 -8.48 -34.15 -16.67
N GLU B 377 -9.80 -34.05 -16.64
CA GLU B 377 -10.60 -34.21 -17.86
C GLU B 377 -10.25 -33.19 -18.94
N ILE B 378 -10.11 -31.91 -18.55
CA ILE B 378 -9.68 -30.85 -19.48
C ILE B 378 -8.30 -31.15 -20.04
N GLY B 379 -7.38 -31.57 -19.17
CA GLY B 379 -6.01 -31.90 -19.56
C GLY B 379 -5.93 -33.02 -20.58
N LYS B 380 -6.82 -34.00 -20.45
CA LYS B 380 -6.86 -35.09 -21.43
C LYS B 380 -7.18 -34.58 -22.84
N ASN B 381 -7.86 -33.45 -22.92
CA ASN B 381 -8.16 -32.83 -24.22
C ASN B 381 -7.07 -31.87 -24.74
N GLU B 382 -6.15 -31.48 -23.87
CA GLU B 382 -5.16 -30.45 -24.20
C GLU B 382 -3.74 -30.98 -24.34
N GLY B 383 -3.39 -31.95 -23.49
CA GLY B 383 -2.07 -32.56 -23.50
C GLY B 383 -2.18 -34.08 -23.50
N GLN B 384 -1.05 -34.73 -23.25
CA GLN B 384 -1.00 -36.19 -23.21
C GLN B 384 -0.84 -36.68 -21.77
N LEU B 385 -1.81 -37.42 -21.27
CA LEU B 385 -1.69 -38.02 -19.94
C LEU B 385 -0.63 -39.13 -19.97
N VAL B 386 0.39 -39.02 -19.13
CA VAL B 386 1.44 -40.06 -19.07
C VAL B 386 1.64 -40.72 -17.71
N LEU B 387 1.01 -40.16 -16.68
CA LEU B 387 1.04 -40.75 -15.35
C LEU B 387 -0.18 -40.33 -14.54
N GLY B 388 -0.75 -41.28 -13.80
CA GLY B 388 -1.82 -40.99 -12.86
C GLY B 388 -3.12 -40.60 -13.54
N GLY B 389 -3.72 -39.52 -13.05
CA GLY B 389 -4.95 -38.98 -13.63
C GLY B 389 -6.21 -39.67 -13.14
N LYS B 390 -6.11 -40.38 -12.01
CA LYS B 390 -7.21 -41.17 -11.47
C LYS B 390 -7.43 -40.94 -9.98
N ARG B 391 -8.68 -41.06 -9.56
CA ARG B 391 -9.03 -41.20 -8.15
C ARG B 391 -8.57 -42.58 -7.72
N LEU B 392 -8.09 -42.71 -6.50
CA LEU B 392 -7.67 -44.00 -5.95
C LEU B 392 -8.69 -44.51 -4.95
N GLU B 393 -8.64 -45.81 -4.68
CA GLU B 393 -9.69 -46.47 -3.92
C GLU B 393 -9.79 -45.99 -2.46
N GLY B 394 -11.03 -45.79 -2.02
CA GLY B 394 -11.29 -45.46 -0.63
C GLY B 394 -12.16 -44.23 -0.53
N GLU B 395 -12.77 -44.05 0.63
CA GLU B 395 -13.65 -42.91 0.86
C GLU B 395 -12.87 -41.61 0.83
N GLY B 396 -11.64 -41.65 1.38
CA GLY B 396 -10.74 -40.49 1.35
C GLY B 396 -10.48 -39.97 -0.05
N TYR B 397 -10.20 -38.68 -0.16
CA TYR B 397 -10.08 -38.04 -1.47
C TYR B 397 -8.69 -38.22 -2.10
N PHE B 398 -8.32 -39.48 -2.33
CA PHE B 398 -7.00 -39.83 -2.85
C PHE B 398 -6.92 -39.69 -4.35
N ILE B 399 -5.99 -38.87 -4.81
CA ILE B 399 -5.75 -38.68 -6.23
C ILE B 399 -4.28 -38.99 -6.53
N ALA B 400 -4.06 -39.76 -7.59
CA ALA B 400 -2.71 -40.16 -8.00
C ALA B 400 -1.92 -38.99 -8.54
N PRO B 401 -0.60 -38.95 -8.24
CA PRO B 401 0.29 -37.98 -8.87
C PRO B 401 0.13 -38.03 -10.37
N THR B 402 -0.10 -36.88 -10.99
CA THR B 402 -0.48 -36.81 -12.40
C THR B 402 0.51 -35.97 -13.21
N VAL B 403 0.84 -36.47 -14.40
CA VAL B 403 1.72 -35.77 -15.33
C VAL B 403 1.07 -35.73 -16.71
N PHE B 404 0.95 -34.51 -17.25
CA PHE B 404 0.61 -34.31 -18.68
C PHE B 404 1.84 -33.80 -19.42
N THR B 405 2.05 -34.33 -20.62
CA THR B 405 3.12 -33.87 -21.50
C THR B 405 2.51 -33.26 -22.76
N GLU B 406 3.36 -32.68 -23.61
CA GLU B 406 2.92 -32.07 -24.87
C GLU B 406 1.83 -31.02 -24.62
N VAL B 407 2.02 -30.26 -23.54
CA VAL B 407 1.04 -29.28 -23.13
C VAL B 407 1.39 -27.95 -23.80
N PRO B 408 0.44 -27.41 -24.59
CA PRO B 408 0.65 -26.09 -25.19
C PRO B 408 0.70 -25.06 -24.07
N PRO B 409 1.63 -24.09 -24.16
CA PRO B 409 1.73 -23.04 -23.12
C PRO B 409 0.45 -22.28 -22.81
N LYS B 410 -0.44 -22.13 -23.79
CA LYS B 410 -1.70 -21.40 -23.59
C LYS B 410 -2.88 -22.31 -23.21
N ALA B 411 -2.62 -23.61 -23.02
CA ALA B 411 -3.65 -24.54 -22.58
C ALA B 411 -4.17 -24.15 -21.21
N ARG B 412 -5.45 -24.45 -20.97
CA ARG B 412 -6.04 -24.17 -19.67
C ARG B 412 -5.22 -24.80 -18.54
N ILE B 413 -4.76 -26.03 -18.73
CA ILE B 413 -3.97 -26.70 -17.67
C ILE B 413 -2.56 -26.09 -17.53
N ALA B 414 -2.16 -25.26 -18.48
CA ALA B 414 -0.87 -24.55 -18.40
C ALA B 414 -1.03 -23.11 -17.92
N GLN B 415 -2.26 -22.69 -17.67
CA GLN B 415 -2.56 -21.29 -17.33
C GLN B 415 -3.33 -21.14 -16.01
N GLU B 416 -4.19 -22.11 -15.71
CA GLU B 416 -5.14 -22.01 -14.59
C GLU B 416 -4.65 -22.81 -13.38
N GLU B 417 -4.87 -22.26 -12.20
CA GLU B 417 -4.39 -22.90 -10.97
C GLU B 417 -5.28 -24.10 -10.62
N ILE B 418 -4.71 -25.30 -10.72
CA ILE B 418 -5.46 -26.55 -10.48
C ILE B 418 -5.48 -26.89 -8.99
N PHE B 419 -4.36 -26.64 -8.31
CA PHE B 419 -4.29 -26.81 -6.85
C PHE B 419 -4.48 -28.28 -6.45
N GLY B 420 -3.89 -29.17 -7.25
CA GLY B 420 -3.87 -30.59 -6.96
C GLY B 420 -2.59 -31.18 -7.52
N PRO B 421 -2.44 -32.51 -7.40
CA PRO B 421 -1.18 -33.15 -7.79
C PRO B 421 -1.09 -33.36 -9.31
N VAL B 422 -1.06 -32.25 -10.06
CA VAL B 422 -1.10 -32.31 -11.52
C VAL B 422 0.00 -31.43 -12.10
N LEU B 423 0.97 -32.07 -12.74
CA LEU B 423 2.11 -31.37 -13.34
C LEU B 423 1.96 -31.33 -14.85
N SER B 424 2.13 -30.14 -15.44
CA SER B 424 2.07 -29.96 -16.90
C SER B 424 3.48 -29.74 -17.42
N VAL B 425 3.89 -30.59 -18.36
CA VAL B 425 5.25 -30.55 -18.91
C VAL B 425 5.25 -29.89 -20.29
N ILE B 426 6.09 -28.87 -20.44
CA ILE B 426 6.12 -28.06 -21.64
C ILE B 426 7.52 -28.10 -22.24
N ARG B 427 7.62 -28.46 -23.51
CA ARG B 427 8.89 -28.54 -24.20
C ARG B 427 9.17 -27.23 -24.92
N VAL B 428 10.36 -26.68 -24.70
CA VAL B 428 10.77 -25.43 -25.38
C VAL B 428 12.11 -25.58 -26.05
N LYS B 429 12.45 -24.64 -26.94
CA LYS B 429 13.64 -24.75 -27.78
C LYS B 429 14.92 -24.51 -26.98
N ASP B 430 14.93 -23.43 -26.21
CA ASP B 430 16.12 -22.97 -25.52
C ASP B 430 15.75 -22.19 -24.27
N PHE B 431 16.76 -21.67 -23.58
CA PHE B 431 16.50 -20.95 -22.33
C PHE B 431 15.67 -19.68 -22.51
N ALA B 432 15.92 -18.92 -23.59
CA ALA B 432 15.13 -17.71 -23.87
C ALA B 432 13.64 -18.05 -23.94
N GLU B 433 13.32 -19.11 -24.69
CA GLU B 433 11.93 -19.52 -24.86
C GLU B 433 11.36 -20.04 -23.54
N ALA B 434 12.20 -20.73 -22.77
CA ALA B 434 11.79 -21.17 -21.43
C ALA B 434 11.33 -19.99 -20.58
N LEU B 435 12.10 -18.90 -20.59
CA LEU B 435 11.72 -17.70 -19.82
C LEU B 435 10.43 -17.07 -20.34
N GLU B 436 10.29 -17.02 -21.67
CA GLU B 436 9.07 -16.47 -22.27
C GLU B 436 7.86 -17.26 -21.80
N VAL B 437 7.96 -18.59 -21.86
CA VAL B 437 6.87 -19.46 -21.45
C VAL B 437 6.62 -19.33 -19.95
N ALA B 438 7.70 -19.25 -19.17
CA ALA B 438 7.56 -19.07 -17.72
C ALA B 438 6.77 -17.81 -17.36
N ASN B 439 7.09 -16.70 -18.03
CA ASN B 439 6.48 -15.40 -17.75
C ASN B 439 5.06 -15.23 -18.27
N ASP B 440 4.70 -16.03 -19.28
CA ASP B 440 3.43 -15.84 -19.96
C ASP B 440 2.31 -16.59 -19.27
N THR B 441 1.99 -16.14 -18.06
CA THR B 441 0.77 -16.49 -17.35
C THR B 441 0.29 -15.21 -16.64
N PRO B 442 -0.94 -15.22 -16.11
CA PRO B 442 -1.40 -14.02 -15.36
C PRO B 442 -0.75 -13.89 -13.98
N TYR B 443 0.03 -14.91 -13.59
CA TYR B 443 0.53 -15.03 -12.22
C TYR B 443 2.03 -14.70 -12.12
N GLY B 444 2.55 -14.70 -10.89
CA GLY B 444 3.96 -14.38 -10.67
C GLY B 444 4.44 -14.63 -9.23
N LEU B 445 4.16 -15.84 -8.74
CA LEU B 445 4.42 -16.14 -7.33
C LEU B 445 5.78 -16.80 -7.14
N THR B 446 5.89 -18.09 -7.45
CA THR B 446 7.18 -18.78 -7.34
C THR B 446 7.66 -19.31 -8.70
N GLY B 447 8.97 -19.56 -8.75
CA GLY B 447 9.55 -20.17 -9.92
C GLY B 447 10.87 -20.77 -9.53
N GLY B 448 11.37 -21.66 -10.38
CA GLY B 448 12.70 -22.23 -10.19
C GLY B 448 13.45 -22.46 -11.47
N VAL B 449 14.77 -22.53 -11.35
CA VAL B 449 15.62 -22.90 -12.47
C VAL B 449 16.64 -23.90 -11.97
N TYR B 450 16.71 -25.05 -12.66
CA TYR B 450 17.84 -25.97 -12.52
C TYR B 450 18.74 -25.79 -13.73
N SER B 451 19.99 -25.41 -13.45
CA SER B 451 20.99 -25.09 -14.46
C SER B 451 22.34 -24.94 -13.76
N ARG B 452 23.41 -25.36 -14.44
CA ARG B 452 24.76 -25.05 -13.98
C ARG B 452 25.31 -23.80 -14.68
N LYS B 453 24.60 -23.31 -15.68
CA LYS B 453 25.12 -22.18 -16.45
C LYS B 453 24.88 -20.85 -15.73
N ARG B 454 25.96 -20.21 -15.28
CA ARG B 454 25.86 -18.96 -14.50
C ARG B 454 25.03 -17.89 -15.21
N GLU B 455 25.23 -17.75 -16.52
CA GLU B 455 24.57 -16.72 -17.29
C GLU B 455 23.08 -16.96 -17.37
N HIS B 456 22.67 -18.22 -17.34
CA HIS B 456 21.25 -18.56 -17.36
C HIS B 456 20.63 -18.23 -16.01
N LEU B 457 21.33 -18.59 -14.94
CA LEU B 457 20.82 -18.29 -13.59
C LEU B 457 20.69 -16.78 -13.40
N GLU B 458 21.73 -16.04 -13.74
CA GLU B 458 21.68 -14.59 -13.52
C GLU B 458 20.69 -13.88 -14.43
N TRP B 459 20.50 -14.40 -15.64
CA TRP B 459 19.45 -13.94 -16.54
C TRP B 459 18.07 -14.14 -15.90
N ALA B 460 17.84 -15.32 -15.32
CA ALA B 460 16.58 -15.57 -14.63
C ALA B 460 16.39 -14.65 -13.41
N ARG B 461 17.48 -14.38 -12.70
CA ARG B 461 17.45 -13.48 -11.55
C ARG B 461 16.85 -12.14 -11.98
N ARG B 462 17.24 -11.69 -13.19
CA ARG B 462 16.81 -10.40 -13.71
C ARG B 462 15.44 -10.46 -14.40
N GLU B 463 15.09 -11.60 -15.00
CA GLU B 463 13.96 -11.64 -15.94
C GLU B 463 12.85 -12.68 -15.75
N PHE B 464 13.05 -13.66 -14.86
CA PHE B 464 12.00 -14.63 -14.53
C PHE B 464 11.14 -13.91 -13.48
N HIS B 465 10.02 -13.35 -13.91
CA HIS B 465 9.26 -12.36 -13.13
C HIS B 465 8.30 -13.01 -12.13
N VAL B 466 8.89 -13.49 -11.04
CA VAL B 466 8.14 -14.09 -9.93
C VAL B 466 8.69 -13.52 -8.63
N GLY B 467 7.85 -13.43 -7.60
CA GLY B 467 8.27 -12.84 -6.33
C GLY B 467 9.27 -13.67 -5.54
N ASN B 468 9.24 -14.98 -5.75
CA ASN B 468 10.10 -15.91 -5.03
C ASN B 468 10.69 -16.90 -6.01
N LEU B 469 11.98 -16.74 -6.28
CA LEU B 469 12.69 -17.50 -7.30
C LEU B 469 13.79 -18.34 -6.64
N TYR B 470 13.94 -19.59 -7.07
CA TYR B 470 14.90 -20.49 -6.44
C TYR B 470 15.72 -21.20 -7.50
N PHE B 471 17.02 -21.30 -7.25
CA PHE B 471 17.95 -21.95 -8.19
C PHE B 471 18.50 -23.24 -7.60
N ASN B 472 18.34 -24.32 -8.36
CA ASN B 472 18.88 -25.64 -8.02
C ASN B 472 18.37 -26.20 -6.68
N ARG B 473 17.10 -25.92 -6.41
CA ARG B 473 16.41 -26.45 -5.24
C ARG B 473 14.90 -26.31 -5.43
N LYS B 474 14.14 -26.94 -4.55
CA LYS B 474 12.68 -26.86 -4.57
C LYS B 474 12.16 -25.42 -4.49
N ILE B 475 10.96 -25.20 -5.05
CA ILE B 475 10.40 -23.85 -5.09
C ILE B 475 9.33 -23.59 -4.04
N THR B 476 9.13 -24.59 -3.19
CA THR B 476 8.19 -24.48 -2.08
C THR B 476 8.93 -24.30 -0.76
N GLY B 477 8.17 -23.99 0.29
CA GLY B 477 8.72 -23.97 1.64
C GLY B 477 9.56 -22.75 1.97
N ALA B 478 9.19 -21.58 1.43
CA ALA B 478 9.85 -20.32 1.77
C ALA B 478 9.92 -20.20 3.29
N LEU B 479 11.10 -19.89 3.83
CA LEU B 479 11.27 -19.75 5.27
C LEU B 479 11.13 -18.31 5.72
N VAL B 480 10.37 -18.11 6.80
CA VAL B 480 10.22 -16.81 7.40
C VAL B 480 11.60 -16.18 7.64
N GLY B 481 11.73 -14.90 7.26
CA GLY B 481 12.97 -14.16 7.49
C GLY B 481 14.00 -14.36 6.39
N VAL B 482 14.15 -15.60 5.92
CA VAL B 482 15.13 -15.96 4.90
C VAL B 482 14.65 -15.55 3.50
N GLN B 483 13.40 -15.90 3.18
CA GLN B 483 12.80 -15.66 1.87
C GLN B 483 11.46 -14.93 2.02
N PRO B 484 11.50 -13.58 2.05
CA PRO B 484 10.27 -12.76 2.06
C PRO B 484 9.30 -13.33 1.04
N PHE B 485 8.07 -13.63 1.46
CA PHE B 485 7.18 -14.40 0.58
C PHE B 485 6.01 -13.59 0.02
N GLY B 486 5.88 -13.61 -1.30
CA GLY B 486 4.79 -12.89 -1.96
C GLY B 486 5.12 -12.62 -3.41
N GLY B 487 4.08 -12.51 -4.22
CA GLY B 487 4.26 -12.48 -5.66
C GLY B 487 3.97 -11.18 -6.38
N PHE B 488 4.00 -11.30 -7.71
CA PHE B 488 3.73 -10.21 -8.62
C PHE B 488 2.45 -10.52 -9.41
N LYS B 489 1.98 -9.53 -10.14
CA LYS B 489 0.85 -9.73 -11.07
C LYS B 489 -0.37 -10.28 -10.34
N LEU B 490 -1.09 -11.23 -10.92
CA LEU B 490 -2.31 -11.69 -10.26
C LEU B 490 -2.08 -12.69 -9.13
N SER B 491 -0.83 -12.85 -8.72
CA SER B 491 -0.49 -13.57 -7.48
C SER B 491 -0.65 -12.70 -6.24
N GLY B 492 -0.98 -11.42 -6.46
CA GLY B 492 -1.50 -10.57 -5.37
C GLY B 492 -0.80 -9.22 -5.25
N THR B 493 -0.81 -8.69 -4.03
CA THR B 493 -0.37 -7.33 -3.79
C THR B 493 1.10 -7.19 -3.34
N ASN B 494 1.84 -8.30 -3.35
CA ASN B 494 3.27 -8.32 -2.97
C ASN B 494 3.49 -7.93 -1.51
N ALA B 495 2.53 -8.27 -0.64
CA ALA B 495 2.76 -8.10 0.79
C ALA B 495 3.72 -9.21 1.19
N LYS B 496 4.95 -8.83 1.52
CA LYS B 496 6.00 -9.83 1.71
C LYS B 496 6.00 -10.33 3.13
N THR B 497 5.45 -11.54 3.33
CA THR B 497 5.36 -12.09 4.68
C THR B 497 6.74 -12.53 5.14
N GLY B 498 6.94 -12.53 6.46
CA GLY B 498 8.22 -12.91 7.06
C GLY B 498 9.35 -11.98 6.66
N ALA B 499 8.99 -10.71 6.49
CA ALA B 499 9.95 -9.66 6.11
C ALA B 499 9.64 -8.42 6.95
N LEU B 500 10.68 -7.61 7.21
CA LEU B 500 10.50 -6.36 7.94
C LEU B 500 9.40 -5.49 7.33
N ASP B 501 9.33 -5.48 5.99
CA ASP B 501 8.37 -4.64 5.27
C ASP B 501 6.92 -4.97 5.57
N TYR B 502 6.64 -6.21 5.99
CA TYR B 502 5.26 -6.62 6.21
C TYR B 502 4.53 -5.74 7.21
N LEU B 503 5.21 -5.36 8.30
CA LEU B 503 4.51 -4.69 9.40
C LEU B 503 4.14 -3.26 9.02
N ARG B 504 4.93 -2.67 8.12
CA ARG B 504 4.69 -1.31 7.64
C ARG B 504 3.31 -1.17 6.99
N LEU B 505 2.83 -2.27 6.40
CA LEU B 505 1.51 -2.31 5.75
C LEU B 505 0.38 -2.04 6.74
N PHE B 506 0.66 -2.25 8.03
CA PHE B 506 -0.37 -2.11 9.08
C PHE B 506 -0.15 -0.92 10.00
N LEU B 507 0.61 0.04 9.47
CA LEU B 507 0.90 1.28 10.19
C LEU B 507 0.62 2.48 9.31
N GLU B 508 0.29 3.60 9.95
CA GLU B 508 0.30 4.91 9.26
C GLU B 508 1.23 5.84 10.02
N MET B 509 1.62 6.93 9.39
CA MET B 509 2.62 7.83 10.00
C MET B 509 2.04 9.18 10.36
N LYS B 510 2.44 9.69 11.54
CA LYS B 510 2.12 11.05 11.97
C LYS B 510 3.43 11.84 12.06
N ALA B 511 3.38 13.12 11.70
CA ALA B 511 4.53 14.04 11.83
C ALA B 511 4.09 15.18 12.72
N VAL B 512 4.84 15.41 13.81
CA VAL B 512 4.46 16.42 14.79
C VAL B 512 5.62 17.41 15.02
N ALA B 513 5.37 18.68 14.75
CA ALA B 513 6.38 19.74 14.91
C ALA B 513 6.03 20.62 16.10
N GLU B 514 7.02 20.92 16.94
CA GLU B 514 6.83 21.97 17.95
C GLU B 514 7.84 23.09 17.73
N ARG B 515 7.35 24.30 17.47
CA ARG B 515 8.22 25.47 17.41
C ARG B 515 8.37 26.04 18.83
N PHE B 516 9.60 26.03 19.34
CA PHE B 516 9.82 26.48 20.74
C PHE B 516 9.79 27.99 20.93
N GLY C . 2.21 20.23 1.84
CA GLY C . 1.20 21.34 1.77
C GLY C . 1.36 22.27 2.96
O GLY C . 1.84 21.79 4.00
OXT GLY C . 1.05 23.50 2.89
PA NAD D . -9.54 18.02 -8.54
O1A NAD D . -10.73 18.69 -9.09
O2A NAD D . -9.84 16.76 -7.84
O5B NAD D . -8.55 17.70 -9.74
C5B NAD D . -7.27 17.17 -9.53
C4B NAD D . -6.76 16.53 -10.82
O4B NAD D . -7.59 15.42 -11.16
C3B NAD D . -6.77 17.45 -12.04
O3B NAD D . -5.65 17.11 -12.85
C2B NAD D . -8.06 17.08 -12.76
O2B NAD D . -8.07 17.32 -14.14
C1B NAD D . -8.12 15.59 -12.46
N9A NAD D . -9.46 15.00 -12.52
C8A NAD D . -10.70 15.57 -12.33
N7A NAD D . -11.64 14.59 -12.46
C5A NAD D . -11.00 13.42 -12.71
C6A NAD D . -11.45 12.11 -12.90
N6A NAD D . -12.73 11.75 -12.73
N1A NAD D . -10.52 11.14 -13.15
C2A NAD D . -9.16 11.41 -13.19
N3A NAD D . -8.72 12.69 -12.97
C4A NAD D . -9.63 13.66 -12.74
O3 NAD D . -8.70 18.92 -7.50
PN NAD D . -8.07 20.38 -7.72
O1N NAD D . -7.14 20.33 -8.89
O2N NAD D . -9.23 21.32 -7.69
O5D NAD D . -7.19 20.54 -6.38
C5D NAD D . -7.82 20.94 -5.18
C4D NAD D . -8.05 19.74 -4.26
O4D NAD D . -6.81 19.05 -4.12
C3D NAD D . -8.47 20.15 -2.86
O3D NAD D . -9.45 19.26 -2.36
C2D NAD D . -7.18 19.97 -2.07
O2D NAD D . -7.39 19.75 -0.69
C1D NAD D . -6.56 18.79 -2.76
N1N NAD D . -5.13 18.75 -2.47
C2N NAD D . -4.68 17.78 -1.63
C3N NAD D . -3.33 17.74 -1.33
C7N NAD D . -2.75 16.69 -0.42
O7N NAD D . -1.37 16.63 -0.33
N7N NAD D . -3.54 15.86 0.28
C4N NAD D . -2.47 18.69 -1.89
C5N NAD D . -2.95 19.67 -2.76
C6N NAD D . -4.30 19.69 -3.05
C ACT E . -12.16 8.13 -12.66
O ACT E . -10.99 8.57 -12.78
OXT ACT E . -13.10 8.96 -12.60
CH3 ACT E . -12.44 6.67 -12.59
C ACT F . -2.86 9.94 16.62
O ACT F . -3.15 11.12 16.32
OXT ACT F . -3.76 9.09 16.46
CH3 ACT F . -1.50 9.58 17.15
C1 MRD G . -6.78 -14.45 -15.21
C2 MRD G . -7.98 -13.61 -15.65
O2 MRD G . -9.05 -14.54 -16.01
CM MRD G . -8.48 -12.77 -14.49
C3 MRD G . -7.68 -12.77 -16.91
C4 MRD G . -6.64 -11.67 -16.75
O4 MRD G . -7.27 -10.40 -16.68
C5 MRD G . -5.69 -11.66 -17.93
C1 MPD H . 17.73 13.41 2.58
C2 MPD H . 18.03 11.92 2.71
O2 MPD H . 19.45 11.75 2.47
CM MPD H . 17.22 11.17 1.67
C3 MPD H . 17.63 11.36 4.08
C4 MPD H . 18.26 12.05 5.28
O4 MPD H . 17.47 11.72 6.40
C5 MPD H . 19.68 11.58 5.56
C1 MPD I . 14.32 2.30 5.22
C2 MPD I . 15.24 2.65 4.05
O2 MPD I . 16.59 2.88 4.54
CM MPD I . 14.76 3.95 3.42
C3 MPD I . 15.28 1.54 3.00
C4 MPD I . 15.21 0.11 3.54
O4 MPD I . 14.99 -0.75 2.45
C5 MPD I . 16.48 -0.32 4.27
C1 MPD J . 10.24 23.01 -28.69
C2 MPD J . 8.88 23.63 -29.00
O2 MPD J . 8.26 22.85 -30.05
CM MPD J . 9.06 25.05 -29.55
C3 MPD J . 7.93 23.61 -27.80
C4 MPD J . 8.54 23.98 -26.45
O4 MPD J . 8.86 25.35 -26.43
C5 MPD J . 7.57 23.69 -25.31
NA NA K . -4.81 29.61 -15.15
N GLY L . 4.98 -19.74 1.60
CA GLY L . 4.48 -21.04 1.06
C GLY L . 5.60 -21.81 0.39
O GLY L . 6.61 -21.20 0.03
OXT GLY L . 5.48 -23.05 0.22
PA NAD M . -10.62 -19.38 -1.07
O1A NAD M . -11.72 -20.22 -1.58
O2A NAD M . -10.42 -18.16 -1.86
O5B NAD M . -10.92 -19.03 0.46
C5B NAD M . -10.02 -18.29 1.28
C4B NAD M . -10.79 -17.69 2.46
O4B NAD M . -11.70 -16.71 1.99
C3B NAD M . -11.64 -18.69 3.25
O3B NAD M . -11.62 -18.33 4.62
C2B NAD M . -13.04 -18.51 2.67
O2B NAD M . -14.09 -18.85 3.54
C1B NAD M . -13.02 -17.02 2.42
N9A NAD M . -13.94 -16.58 1.37
C8A NAD M . -14.49 -17.30 0.33
N7A NAD M . -15.28 -16.47 -0.39
C5A NAD M . -15.24 -15.23 0.19
C6A NAD M . -15.85 -14.00 -0.14
N6A NAD M . -16.50 -13.83 -1.29
N1A NAD M . -15.59 -12.91 0.66
C2A NAD M . -14.76 -13.00 1.77
N3A NAD M . -14.17 -14.21 2.08
C4A NAD M . -14.40 -15.29 1.30
O3 NAD M . -9.19 -20.13 -1.02
PN NAD M . -8.82 -21.52 -0.30
O1N NAD M . -9.07 -21.42 1.16
O2N NAD M . -9.40 -22.59 -1.16
O5D NAD M . -7.21 -21.51 -0.51
C5D NAD M . -6.63 -21.98 -1.70
C4D NAD M . -6.18 -20.76 -2.52
O4D NAD M . -5.40 -19.93 -1.68
C3D NAD M . -5.31 -21.13 -3.71
O3D NAD M . -5.65 -20.31 -4.80
C2D NAD M . -3.93 -20.75 -3.22
O2D NAD M . -3.01 -20.47 -4.25
C1D NAD M . -4.22 -19.55 -2.35
N1N NAD M . -3.09 -19.34 -1.44
C2N NAD M . -2.24 -18.30 -1.70
C3N NAD M . -1.14 -18.11 -0.86
C7N NAD M . -0.23 -16.93 -1.02
O7N NAD M . 0.67 -16.70 0.02
N7N NAD M . -0.27 -16.14 -2.09
C4N NAD M . -0.95 -18.97 0.21
C5N NAD M . -1.84 -20.01 0.47
C6N NAD M . -2.92 -20.18 -0.38
C ACT N . -16.48 -10.10 -1.03
O ACT N . -16.97 -11.00 -1.74
OXT ACT N . -15.81 -10.44 -0.04
CH3 ACT N . -16.68 -8.65 -1.38
C ACT O . 12.18 -9.29 -12.18
O ACT O . 11.39 -8.55 -12.79
OXT ACT O . 11.86 -10.49 -12.13
CH3 ACT O . 13.45 -8.77 -11.55
C1 MPD P . 13.73 2.30 9.97
C2 MPD P . 12.35 1.75 9.62
O2 MPD P . 12.13 2.00 8.21
CM MPD P . 11.29 2.49 10.43
C3 MPD P . 12.29 0.26 9.97
C4 MPD P . 12.34 -0.69 8.79
O4 MPD P . 13.48 -0.44 7.99
C5 MPD P . 12.37 -2.13 9.29
C1 MRD Q . 13.35 -8.79 12.85
C2 MRD Q . 14.57 -9.69 12.86
O2 MRD Q . 15.36 -9.37 14.03
CM MRD Q . 14.09 -11.13 12.97
C3 MRD Q . 15.33 -9.44 11.56
C4 MRD Q . 16.80 -9.82 11.48
O4 MRD Q . 17.22 -9.45 10.19
C5 MRD Q . 17.04 -11.32 11.66
C1 MRD R . -17.48 12.76 3.54
C2 MRD R . -18.57 11.86 2.96
O2 MRD R . -19.58 12.72 2.40
CM MRD R . -18.02 11.02 1.81
C3 MRD R . -19.28 11.01 4.03
C4 MRD R . -18.45 9.99 4.82
O4 MRD R . -18.58 8.71 4.25
C5 MRD R . -18.92 9.94 6.26
C1 MPD S . -14.23 -25.51 27.08
C2 MPD S . -13.77 -24.35 26.19
O2 MPD S . -12.71 -23.64 26.89
CM MPD S . -14.92 -23.40 25.95
C3 MPD S . -13.25 -24.92 24.87
C4 MPD S . -12.20 -24.04 24.18
O4 MPD S . -10.92 -24.27 24.75
C5 MPD S . -12.15 -24.29 22.69
C1 MPD T . -8.75 -44.80 9.55
C2 MPD T . -7.83 -45.80 8.85
O2 MPD T . -7.49 -45.27 7.54
CM MPD T . -8.57 -47.11 8.66
C3 MPD T . -6.59 -46.01 9.72
C4 MPD T . -5.26 -46.16 9.00
O4 MPD T . -4.96 -45.01 8.23
C5 MPD T . -4.13 -46.40 9.99
NA NA U . -11.36 -30.93 7.21
#